data_1IBR
#
_entry.id   1IBR
#
_cell.length_a   65.700
_cell.length_b   108.950
_cell.length_c   114.050
_cell.angle_alpha   90.00
_cell.angle_beta   100.66
_cell.angle_gamma   90.00
#
_symmetry.space_group_name_H-M   'P 1 21 1'
#
loop_
_entity.id
_entity.type
_entity.pdbx_description
1 polymer 'GTP-binding nuclear protein RAN'
2 polymer 'Importin beta-1 subunit'
3 non-polymer 'MAGNESIUM ION'
4 non-polymer 'PHOSPHOAMINOPHOSPHONIC ACID-GUANYLATE ESTER'
5 water water
#
loop_
_entity_poly.entity_id
_entity_poly.type
_entity_poly.pdbx_seq_one_letter_code
_entity_poly.pdbx_strand_id
1 'polypeptide(L)'
;MAAQGEPQVQFKLVLVGDGGTGKTTFVKRHLTGEFEKKYVATLGVEVHPLVFHTNRGPIKFNVWDTAGQEKFGGLRDGYY
IQAQCAIIMFDVTSRVTYKNVPNWHRDLVRVCENIPIVLCGNKVDIKDRKVKAKSIVFHRKKNLQYYDISAKSNYNFEKP
FLWLARKLIGDPNLEFVAMPALAPPEVVMDPALAAQYEHDLEVAQTTALPDEDDDL
;
A,C
2 'polypeptide(L)'
;MELITILEKTVSPDRLELEAAQKFLERAAVENLPTFLVELSRVLANPGNSQVARVAAGLQIKNSLTSKDPDIKAQYQQRW
LAIDANARREVKNYVLQTLGTETYRPSSASQCVAGIACAEIPVNQWPELIPQLVANVTNPNSTEHMKESTLEAIGYICQD
IDPEQLQDKSNEILTAIIQGMRKEEPSNNVKLAATNALLNSLEFTKANFDKESERHFIMQVVCEATQCPDTRVRVAALQN
LVKIMSLYYQYMETYMGPALFAITIEAMKSDIDEVALQGIEFWSNVCDEEMDLAIEASEAAEQGRPPEHTSKFYAKGALQ
YLVPILTQTLTKQDENDDDDDWNPCKAAGVCLMLLATCCEDDIVPHVLPFIKEHIKNPDWRYRDAAVMAFGCILEGPEPS
QLKPLVIQAMPTLIELMKDPSVVVRDTAAWTVGRICELLPEAAINDVYLAPLLQCLIEGLSA
;
B,D
#
# COMPACT_ATOMS: atom_id res chain seq x y z
N VAL A 9 18.98 -2.17 32.55
CA VAL A 9 17.76 -2.64 31.81
C VAL A 9 16.86 -3.51 32.70
N GLN A 10 15.72 -2.93 33.08
CA GLN A 10 14.74 -3.60 33.93
C GLN A 10 13.30 -3.44 33.45
N PHE A 11 12.45 -4.40 33.81
CA PHE A 11 11.04 -4.40 33.39
C PHE A 11 10.14 -4.86 34.53
N LYS A 12 8.96 -4.24 34.61
CA LYS A 12 8.00 -4.61 35.62
C LYS A 12 7.25 -5.82 35.07
N LEU A 13 7.31 -6.93 35.78
CA LEU A 13 6.62 -8.15 35.39
C LEU A 13 5.62 -8.48 36.48
N VAL A 14 4.37 -8.71 36.09
CA VAL A 14 3.37 -9.05 37.08
C VAL A 14 3.00 -10.53 36.94
N LEU A 15 3.14 -11.23 38.05
CA LEU A 15 2.88 -12.66 38.16
C LEU A 15 1.51 -12.86 38.77
N VAL A 16 0.60 -13.43 38.00
CA VAL A 16 -0.76 -13.65 38.48
C VAL A 16 -1.28 -15.05 38.23
N GLY A 17 -2.33 -15.41 38.96
CA GLY A 17 -2.89 -16.74 38.83
C GLY A 17 -3.51 -17.15 40.16
N ASP A 18 -4.36 -18.18 40.13
CA ASP A 18 -5.03 -18.64 41.33
C ASP A 18 -4.11 -18.94 42.51
N GLY A 19 -4.70 -18.93 43.71
CA GLY A 19 -3.94 -19.22 44.91
C GLY A 19 -3.46 -20.65 44.89
N GLY A 20 -2.20 -20.87 45.28
CA GLY A 20 -1.68 -22.23 45.32
C GLY A 20 -1.13 -22.79 44.02
N THR A 21 -1.08 -21.98 42.96
CA THR A 21 -0.55 -22.46 41.67
C THR A 21 0.97 -22.53 41.68
N GLY A 22 1.59 -21.97 42.71
CA GLY A 22 3.03 -22.01 42.83
C GLY A 22 3.78 -20.76 42.37
N LYS A 23 3.12 -19.62 42.33
CA LYS A 23 3.77 -18.38 41.89
C LYS A 23 4.97 -18.00 42.75
N THR A 24 4.76 -17.93 44.06
CA THR A 24 5.81 -17.57 45.01
C THR A 24 6.96 -18.59 45.00
N THR A 25 6.61 -19.87 45.02
CA THR A 25 7.58 -20.95 45.00
C THR A 25 8.46 -20.80 43.76
N PHE A 26 7.81 -20.55 42.62
CA PHE A 26 8.48 -20.36 41.35
C PHE A 26 9.51 -19.24 41.41
N VAL A 27 9.15 -18.11 42.01
CA VAL A 27 10.06 -16.97 42.11
C VAL A 27 11.25 -17.25 43.04
N LYS A 28 10.97 -17.83 44.20
CA LYS A 28 12.03 -18.15 45.16
C LYS A 28 13.05 -19.08 44.53
N ARG A 29 12.56 -20.05 43.77
CA ARG A 29 13.43 -21.00 43.10
C ARG A 29 14.48 -20.26 42.26
N HIS A 30 14.04 -19.27 41.50
CA HIS A 30 14.97 -18.49 40.68
C HIS A 30 15.85 -17.58 41.53
N LEU A 31 15.28 -17.10 42.63
CA LEU A 31 15.95 -16.19 43.55
C LEU A 31 17.07 -16.87 44.34
N THR A 32 16.71 -17.88 45.12
CA THR A 32 17.68 -18.57 45.95
C THR A 32 18.05 -19.97 45.47
N GLY A 33 17.21 -20.56 44.63
CA GLY A 33 17.47 -21.90 44.13
C GLY A 33 16.83 -22.91 45.06
N GLU A 34 16.20 -22.41 46.11
CA GLU A 34 15.54 -23.27 47.09
C GLU A 34 14.10 -23.59 46.69
N PHE A 35 13.64 -24.78 47.06
CA PHE A 35 12.27 -25.17 46.75
C PHE A 35 11.39 -25.08 47.98
N GLU A 36 10.50 -24.09 48.00
CA GLU A 36 9.59 -23.92 49.12
C GLU A 36 8.56 -25.03 49.12
N LYS A 37 8.57 -25.87 50.15
CA LYS A 37 7.63 -26.98 50.26
C LYS A 37 6.30 -26.55 50.87
N LYS A 38 6.33 -25.49 51.67
CA LYS A 38 5.11 -25.03 52.33
C LYS A 38 4.24 -24.14 51.45
N TYR A 39 2.98 -24.04 51.81
CA TYR A 39 2.07 -23.16 51.12
C TYR A 39 1.70 -22.06 52.11
N VAL A 40 2.26 -20.87 51.91
CA VAL A 40 1.97 -19.74 52.77
C VAL A 40 1.48 -18.64 51.83
N ALA A 41 0.17 -18.46 51.78
CA ALA A 41 -0.44 -17.47 50.90
C ALA A 41 0.22 -16.09 50.94
N THR A 42 0.42 -15.52 49.75
CA THR A 42 0.99 -14.19 49.59
C THR A 42 -0.10 -13.15 49.91
N LEU A 43 0.27 -12.10 50.61
CA LEU A 43 -0.69 -11.05 50.97
C LEU A 43 -0.53 -9.83 50.10
N GLY A 44 -1.48 -9.63 49.19
CA GLY A 44 -1.41 -8.49 48.29
C GLY A 44 -0.38 -8.71 47.21
N VAL A 45 0.87 -8.44 47.51
CA VAL A 45 1.93 -8.63 46.53
C VAL A 45 3.27 -8.64 47.22
N GLU A 46 4.24 -9.28 46.57
CA GLU A 46 5.59 -9.35 47.10
C GLU A 46 6.49 -9.06 45.89
N VAL A 47 7.26 -7.97 45.98
CA VAL A 47 8.13 -7.57 44.88
C VAL A 47 9.57 -8.05 45.07
N HIS A 48 10.06 -8.78 44.07
CA HIS A 48 11.41 -9.35 44.08
C HIS A 48 12.09 -9.16 42.74
N PRO A 49 13.29 -8.55 42.72
CA PRO A 49 13.98 -8.39 41.44
C PRO A 49 14.78 -9.65 41.09
N LEU A 50 14.66 -10.09 39.83
CA LEU A 50 15.37 -11.26 39.35
C LEU A 50 16.30 -10.83 38.23
N VAL A 51 17.57 -11.16 38.34
CA VAL A 51 18.52 -10.77 37.31
C VAL A 51 18.99 -11.96 36.49
N PHE A 52 19.01 -11.78 35.18
CA PHE A 52 19.46 -12.85 34.29
C PHE A 52 20.60 -12.32 33.44
N HIS A 53 21.66 -13.11 33.34
CA HIS A 53 22.79 -12.71 32.53
C HIS A 53 22.58 -13.22 31.12
N THR A 54 22.72 -12.33 30.15
CA THR A 54 22.52 -12.70 28.75
C THR A 54 23.66 -12.28 27.85
N ASN A 55 23.68 -12.83 26.63
CA ASN A 55 24.71 -12.54 25.65
C ASN A 55 24.63 -11.09 25.20
N ARG A 56 23.79 -10.30 25.87
CA ARG A 56 23.64 -8.90 25.53
C ARG A 56 23.53 -8.05 26.80
N GLY A 57 24.16 -8.53 27.86
CA GLY A 57 24.14 -7.81 29.12
C GLY A 57 23.06 -8.31 30.05
N PRO A 58 23.15 -8.01 31.35
CA PRO A 58 22.16 -8.45 32.33
C PRO A 58 20.80 -7.77 32.15
N ILE A 59 19.74 -8.54 32.34
CA ILE A 59 18.38 -8.03 32.25
C ILE A 59 17.72 -8.26 33.59
N LYS A 60 17.09 -7.23 34.13
CA LYS A 60 16.44 -7.34 35.42
C LYS A 60 14.93 -7.31 35.31
N PHE A 61 14.29 -8.28 35.94
CA PHE A 61 12.84 -8.38 35.97
C PHE A 61 12.38 -8.05 37.38
N ASN A 62 11.62 -6.98 37.53
CA ASN A 62 11.10 -6.68 38.86
C ASN A 62 9.79 -7.43 38.91
N VAL A 63 9.81 -8.57 39.60
CA VAL A 63 8.66 -9.43 39.70
C VAL A 63 7.69 -9.07 40.81
N TRP A 64 6.46 -8.73 40.41
CA TRP A 64 5.40 -8.39 41.34
C TRP A 64 4.60 -9.69 41.48
N ASP A 65 4.93 -10.45 42.52
CA ASP A 65 4.30 -11.74 42.84
C ASP A 65 3.00 -11.46 43.60
N THR A 66 1.89 -11.43 42.85
CA THR A 66 0.59 -11.13 43.43
C THR A 66 -0.13 -12.30 44.09
N ALA A 67 -1.11 -11.96 44.94
CA ALA A 67 -1.89 -12.95 45.66
C ALA A 67 -2.97 -13.55 44.80
N GLY A 68 -3.09 -14.87 44.84
CA GLY A 68 -4.11 -15.54 44.07
C GLY A 68 -5.40 -15.68 44.86
N GLN A 69 -5.30 -15.69 46.19
CA GLN A 69 -6.47 -15.82 47.06
C GLN A 69 -7.32 -14.54 47.01
N GLU A 70 -8.59 -14.69 46.67
CA GLU A 70 -9.50 -13.55 46.59
C GLU A 70 -9.42 -12.61 47.81
N LYS A 71 -9.41 -13.20 49.00
CA LYS A 71 -9.37 -12.43 50.24
C LYS A 71 -8.08 -11.67 50.50
N PHE A 72 -6.96 -12.18 49.98
CA PHE A 72 -5.67 -11.52 50.17
C PHE A 72 -5.24 -10.70 48.97
N GLY A 73 -6.18 -10.36 48.10
CA GLY A 73 -5.87 -9.60 46.92
C GLY A 73 -5.15 -8.26 47.06
N GLY A 74 -5.44 -7.54 48.14
CA GLY A 74 -4.81 -6.24 48.34
C GLY A 74 -5.28 -5.26 47.28
N LEU A 75 -4.35 -4.61 46.61
CA LEU A 75 -4.72 -3.66 45.57
C LEU A 75 -5.16 -4.40 44.31
N ARG A 76 -4.83 -5.69 44.25
CA ARG A 76 -5.18 -6.56 43.11
C ARG A 76 -4.75 -5.88 41.82
N ASP A 77 -5.76 -5.51 41.04
CA ASP A 77 -5.61 -4.81 39.77
C ASP A 77 -4.61 -3.65 39.81
N GLY A 78 -4.64 -2.91 40.91
CA GLY A 78 -3.75 -1.79 41.08
C GLY A 78 -2.28 -2.11 40.92
N TYR A 79 -1.91 -3.38 41.09
CA TYR A 79 -0.51 -3.77 40.95
C TYR A 79 -0.06 -3.83 39.50
N TYR A 80 -1.01 -3.82 38.55
CA TYR A 80 -0.70 -3.91 37.12
C TYR A 80 -0.25 -2.60 36.47
N ILE A 81 -0.42 -1.48 37.18
CA ILE A 81 -0.06 -0.17 36.65
C ILE A 81 1.38 -0.11 36.13
N GLN A 82 1.52 0.15 34.84
CA GLN A 82 2.82 0.26 34.17
C GLN A 82 3.61 -1.04 34.08
N ALA A 83 2.91 -2.17 34.14
CA ALA A 83 3.55 -3.47 34.00
C ALA A 83 4.00 -3.49 32.54
N GLN A 84 5.11 -4.14 32.25
CA GLN A 84 5.61 -4.20 30.89
C GLN A 84 5.53 -5.62 30.32
N CYS A 85 5.16 -6.57 31.18
CA CYS A 85 5.02 -7.96 30.79
C CYS A 85 4.34 -8.73 31.93
N ALA A 86 3.88 -9.94 31.65
CA ALA A 86 3.23 -10.75 32.67
C ALA A 86 3.31 -12.25 32.42
N ILE A 87 3.14 -12.99 33.50
CA ILE A 87 3.11 -14.44 33.47
C ILE A 87 1.82 -14.85 34.15
N ILE A 88 1.01 -15.65 33.46
CA ILE A 88 -0.23 -16.13 34.03
C ILE A 88 0.00 -17.59 34.43
N MET A 89 -0.18 -17.88 35.71
CA MET A 89 0.05 -19.22 36.24
C MET A 89 -1.21 -19.99 36.61
N PHE A 90 -1.23 -21.27 36.29
CA PHE A 90 -2.34 -22.14 36.67
C PHE A 90 -1.70 -23.44 37.12
N ASP A 91 -2.45 -24.27 37.83
CA ASP A 91 -1.93 -25.53 38.38
C ASP A 91 -2.40 -26.71 37.53
N VAL A 92 -1.47 -27.43 36.93
CA VAL A 92 -1.86 -28.57 36.10
C VAL A 92 -2.56 -29.67 36.91
N THR A 93 -2.48 -29.62 38.23
CA THR A 93 -3.14 -30.62 39.06
C THR A 93 -4.50 -30.12 39.54
N SER A 94 -4.87 -28.93 39.12
CA SER A 94 -6.14 -28.34 39.53
C SER A 94 -6.83 -27.70 38.32
N ARG A 95 -7.88 -28.36 37.84
CA ARG A 95 -8.64 -27.90 36.67
C ARG A 95 -9.22 -26.51 36.82
N VAL A 96 -9.66 -26.16 38.03
CA VAL A 96 -10.27 -24.85 38.23
C VAL A 96 -9.28 -23.69 38.05
N THR A 97 -7.99 -23.95 38.26
CA THR A 97 -7.02 -22.87 38.09
C THR A 97 -6.79 -22.56 36.62
N TYR A 98 -7.06 -23.53 35.75
CA TYR A 98 -6.91 -23.30 34.33
C TYR A 98 -8.18 -22.60 33.84
N LYS A 99 -9.30 -22.95 34.46
CA LYS A 99 -10.59 -22.36 34.08
C LYS A 99 -10.61 -20.86 34.39
N ASN A 100 -9.92 -20.45 35.44
CA ASN A 100 -9.88 -19.05 35.80
C ASN A 100 -8.86 -18.24 34.99
N VAL A 101 -8.09 -18.91 34.16
CA VAL A 101 -7.08 -18.24 33.33
C VAL A 101 -7.65 -17.08 32.51
N PRO A 102 -8.80 -17.28 31.83
CA PRO A 102 -9.38 -16.19 31.04
C PRO A 102 -9.64 -14.94 31.86
N ASN A 103 -10.05 -15.12 33.11
CA ASN A 103 -10.33 -13.99 34.00
C ASN A 103 -9.07 -13.22 34.38
N TRP A 104 -7.99 -13.93 34.58
CA TRP A 104 -6.74 -13.26 34.90
C TRP A 104 -6.28 -12.48 33.66
N HIS A 105 -6.45 -13.09 32.50
CA HIS A 105 -6.05 -12.46 31.25
C HIS A 105 -6.85 -11.19 30.99
N ARG A 106 -8.15 -11.24 31.27
CA ARG A 106 -9.02 -10.10 31.09
C ARG A 106 -8.58 -8.94 32.01
N ASP A 107 -8.27 -9.28 33.25
CA ASP A 107 -7.83 -8.28 34.23
C ASP A 107 -6.57 -7.57 33.73
N LEU A 108 -5.63 -8.35 33.19
CA LEU A 108 -4.38 -7.80 32.65
C LEU A 108 -4.59 -6.84 31.48
N VAL A 109 -5.38 -7.23 30.47
CA VAL A 109 -5.59 -6.38 29.31
C VAL A 109 -6.49 -5.17 29.53
N ARG A 110 -7.25 -5.14 30.61
CA ARG A 110 -8.08 -3.97 30.87
C ARG A 110 -7.23 -2.87 31.54
N VAL A 111 -5.98 -3.21 31.85
CA VAL A 111 -5.07 -2.24 32.45
C VAL A 111 -3.81 -2.06 31.61
N CYS A 112 -3.33 -3.14 31.01
CA CYS A 112 -2.09 -3.07 30.23
C CYS A 112 -2.34 -3.21 28.73
N GLU A 113 -1.91 -2.21 27.97
CA GLU A 113 -2.15 -2.18 26.54
C GLU A 113 -1.70 -3.35 25.66
N ASN A 114 -0.41 -3.44 25.37
CA ASN A 114 0.04 -4.49 24.47
C ASN A 114 1.31 -5.13 25.00
N ILE A 115 1.23 -5.67 26.20
CA ILE A 115 2.39 -6.30 26.81
C ILE A 115 2.53 -7.78 26.49
N PRO A 116 3.76 -8.27 26.47
CA PRO A 116 3.96 -9.69 26.20
C PRO A 116 3.49 -10.47 27.44
N ILE A 117 2.65 -11.48 27.23
CA ILE A 117 2.11 -12.30 28.31
C ILE A 117 2.39 -13.77 28.04
N VAL A 118 3.00 -14.44 29.02
CA VAL A 118 3.31 -15.87 28.91
C VAL A 118 2.39 -16.65 29.84
N LEU A 119 1.80 -17.73 29.33
CA LEU A 119 0.91 -18.58 30.11
C LEU A 119 1.71 -19.77 30.57
N CYS A 120 1.67 -20.05 31.87
CA CYS A 120 2.43 -21.18 32.42
C CYS A 120 1.62 -22.20 33.20
N GLY A 121 1.77 -23.47 32.80
CA GLY A 121 1.09 -24.57 33.47
C GLY A 121 2.10 -25.17 34.44
N ASN A 122 1.89 -24.97 35.74
CA ASN A 122 2.84 -25.47 36.73
C ASN A 122 2.52 -26.82 37.40
N LYS A 123 3.56 -27.41 37.99
CA LYS A 123 3.46 -28.69 38.68
C LYS A 123 3.34 -29.88 37.73
N VAL A 124 4.05 -29.84 36.61
CA VAL A 124 3.96 -30.95 35.67
C VAL A 124 4.76 -32.15 36.16
N ASP A 125 5.44 -31.98 37.29
CA ASP A 125 6.21 -33.06 37.89
C ASP A 125 5.24 -34.05 38.52
N ILE A 126 4.09 -33.55 38.96
CA ILE A 126 3.07 -34.39 39.59
C ILE A 126 2.61 -35.52 38.66
N LYS A 127 2.54 -36.72 39.22
CA LYS A 127 2.14 -37.92 38.49
C LYS A 127 0.99 -37.70 37.53
N ASP A 128 -0.24 -37.71 38.05
CA ASP A 128 -1.39 -37.50 37.17
C ASP A 128 -1.82 -36.05 37.07
N ARG A 129 -1.75 -35.53 35.84
CA ARG A 129 -2.15 -34.16 35.56
C ARG A 129 -3.67 -34.13 35.42
N LYS A 130 -4.32 -33.16 36.05
CA LYS A 130 -5.77 -33.06 35.92
C LYS A 130 -6.07 -32.26 34.65
N VAL A 131 -5.14 -31.38 34.28
CA VAL A 131 -5.29 -30.55 33.09
C VAL A 131 -4.22 -31.00 32.09
N LYS A 132 -4.61 -31.90 31.19
CA LYS A 132 -3.69 -32.42 30.19
C LYS A 132 -3.46 -31.49 29.01
N ALA A 133 -2.32 -31.65 28.36
CA ALA A 133 -1.92 -30.85 27.21
C ALA A 133 -3.03 -30.52 26.22
N LYS A 134 -3.79 -31.54 25.82
CA LYS A 134 -4.87 -31.35 24.86
C LYS A 134 -5.91 -30.33 25.31
N SER A 135 -6.12 -30.21 26.62
CA SER A 135 -7.12 -29.28 27.17
C SER A 135 -6.68 -27.81 27.19
N ILE A 136 -5.37 -27.59 27.18
CA ILE A 136 -4.80 -26.25 27.21
C ILE A 136 -4.89 -25.61 25.82
N VAL A 137 -5.83 -24.69 25.68
CA VAL A 137 -6.05 -24.04 24.41
C VAL A 137 -6.12 -22.51 24.47
N PHE A 138 -6.13 -21.93 25.68
CA PHE A 138 -6.23 -20.48 25.79
C PHE A 138 -5.14 -19.72 25.03
N HIS A 139 -3.92 -20.25 25.03
CA HIS A 139 -2.84 -19.58 24.33
C HIS A 139 -3.12 -19.47 22.82
N ARG A 140 -3.79 -20.48 22.25
CA ARG A 140 -4.09 -20.43 20.83
C ARG A 140 -5.09 -19.31 20.55
N LYS A 141 -6.04 -19.14 21.47
CA LYS A 141 -7.09 -18.13 21.31
C LYS A 141 -6.56 -16.69 21.31
N LYS A 142 -5.61 -16.43 22.19
CA LYS A 142 -5.06 -15.08 22.30
C LYS A 142 -3.61 -14.88 21.82
N ASN A 143 -3.09 -15.84 21.06
CA ASN A 143 -1.72 -15.73 20.56
C ASN A 143 -0.70 -15.51 21.68
N LEU A 144 -0.76 -16.33 22.71
CA LEU A 144 0.19 -16.21 23.81
C LEU A 144 1.21 -17.32 23.68
N GLN A 145 2.32 -17.18 24.40
CA GLN A 145 3.33 -18.21 24.43
C GLN A 145 2.92 -19.10 25.59
N TYR A 146 3.13 -20.40 25.48
CA TYR A 146 2.78 -21.31 26.57
C TYR A 146 3.95 -22.21 26.92
N TYR A 147 4.00 -22.64 28.18
CA TYR A 147 5.06 -23.52 28.65
C TYR A 147 4.59 -24.44 29.77
N ASP A 148 4.95 -25.71 29.69
CA ASP A 148 4.67 -26.67 30.76
C ASP A 148 5.78 -26.25 31.72
N ILE A 149 5.49 -26.16 33.00
CA ILE A 149 6.52 -25.71 33.93
C ILE A 149 6.49 -26.48 35.22
N SER A 150 7.60 -26.44 35.96
CA SER A 150 7.72 -27.11 37.25
C SER A 150 8.76 -26.43 38.13
N ALA A 151 8.28 -25.76 39.17
CA ALA A 151 9.15 -25.07 40.09
C ALA A 151 9.93 -26.07 40.93
N LYS A 152 9.41 -27.30 41.03
CA LYS A 152 10.08 -28.32 41.82
C LYS A 152 11.22 -28.99 41.06
N SER A 153 10.96 -29.43 39.82
CA SER A 153 11.98 -30.09 39.02
C SER A 153 12.80 -29.14 38.15
N ASN A 154 12.43 -27.87 38.14
CA ASN A 154 13.12 -26.85 37.33
C ASN A 154 12.90 -27.07 35.84
N TYR A 155 11.96 -27.94 35.49
CA TYR A 155 11.67 -28.21 34.08
C TYR A 155 11.23 -26.91 33.40
N ASN A 156 11.98 -26.48 32.38
CA ASN A 156 11.64 -25.27 31.65
C ASN A 156 11.51 -24.03 32.54
N PHE A 157 12.08 -24.06 33.74
CA PHE A 157 11.88 -22.94 34.64
C PHE A 157 12.42 -21.58 34.18
N GLU A 158 13.32 -21.54 33.22
CA GLU A 158 13.81 -20.24 32.74
C GLU A 158 13.07 -19.79 31.48
N LYS A 159 12.45 -20.73 30.78
CA LYS A 159 11.72 -20.44 29.53
C LYS A 159 10.84 -19.17 29.55
N PRO A 160 9.97 -19.04 30.56
CA PRO A 160 9.11 -17.86 30.62
C PRO A 160 9.90 -16.55 30.53
N PHE A 161 10.94 -16.43 31.34
CA PHE A 161 11.75 -15.22 31.37
C PHE A 161 12.57 -15.04 30.09
N LEU A 162 13.03 -16.14 29.50
CA LEU A 162 13.80 -16.04 28.27
C LEU A 162 12.93 -15.48 27.15
N TRP A 163 11.72 -16.02 27.02
CA TRP A 163 10.80 -15.56 26.00
C TRP A 163 10.46 -14.09 26.20
N LEU A 164 10.14 -13.71 27.43
CA LEU A 164 9.80 -12.31 27.70
C LEU A 164 10.98 -11.40 27.39
N ALA A 165 12.17 -11.80 27.81
CA ALA A 165 13.36 -11.00 27.57
C ALA A 165 13.57 -10.78 26.08
N ARG A 166 13.45 -11.85 25.31
CA ARG A 166 13.62 -11.73 23.87
C ARG A 166 12.57 -10.78 23.31
N LYS A 167 11.37 -10.86 23.88
CA LYS A 167 10.26 -10.02 23.46
C LYS A 167 10.52 -8.54 23.80
N LEU A 168 10.90 -8.25 25.05
CA LEU A 168 11.18 -6.87 25.47
C LEU A 168 12.39 -6.23 24.80
N ILE A 169 13.49 -6.98 24.71
CA ILE A 169 14.72 -6.48 24.08
C ILE A 169 14.61 -6.38 22.56
N GLY A 170 13.74 -7.19 21.96
CA GLY A 170 13.57 -7.15 20.52
C GLY A 170 14.65 -7.94 19.77
N ASP A 171 15.23 -8.92 20.45
CA ASP A 171 16.29 -9.74 19.85
C ASP A 171 15.99 -11.21 20.03
N PRO A 172 15.62 -11.90 18.94
CA PRO A 172 15.31 -13.33 19.01
C PRO A 172 16.54 -14.16 19.32
N ASN A 173 17.71 -13.56 19.18
CA ASN A 173 18.96 -14.28 19.43
C ASN A 173 19.46 -14.19 20.87
N LEU A 174 18.74 -13.48 21.72
CA LEU A 174 19.15 -13.36 23.12
C LEU A 174 19.21 -14.74 23.77
N GLU A 175 20.28 -14.99 24.51
CA GLU A 175 20.49 -16.26 25.20
C GLU A 175 20.80 -15.97 26.67
N PHE A 176 20.54 -16.93 27.54
CA PHE A 176 20.85 -16.74 28.95
C PHE A 176 22.20 -17.40 29.25
N VAL A 177 22.96 -16.86 30.07
N GLU B 2 -3.90 14.70 50.63
CA GLU B 2 -2.78 13.80 50.28
C GLU B 2 -3.22 12.50 49.61
N LEU B 3 -4.44 12.50 49.06
CA LEU B 3 -4.95 11.31 48.39
C LEU B 3 -4.04 10.98 47.19
N ILE B 4 -3.72 12.01 46.41
CA ILE B 4 -2.86 11.81 45.25
C ILE B 4 -1.50 11.24 45.64
N THR B 5 -1.00 11.65 46.81
CA THR B 5 0.29 11.17 47.28
C THR B 5 0.27 9.66 47.51
N ILE B 6 -0.74 9.15 48.20
CA ILE B 6 -0.80 7.71 48.43
C ILE B 6 -1.09 6.92 47.15
N LEU B 7 -1.91 7.48 46.26
CA LEU B 7 -2.19 6.80 45.00
C LEU B 7 -0.87 6.71 44.25
N GLU B 8 -0.02 7.72 44.42
CA GLU B 8 1.27 7.72 43.74
C GLU B 8 2.18 6.60 44.26
N LYS B 9 2.00 6.21 45.51
CA LYS B 9 2.81 5.15 46.11
C LYS B 9 2.46 3.75 45.60
N THR B 10 1.30 3.60 44.97
CA THR B 10 0.89 2.27 44.52
C THR B 10 1.78 1.64 43.47
N VAL B 11 2.76 2.38 42.95
CA VAL B 11 3.61 1.78 41.93
C VAL B 11 5.02 1.53 42.49
N SER B 12 5.21 1.89 43.76
CA SER B 12 6.47 1.69 44.48
C SER B 12 6.74 0.22 44.81
N PRO B 13 8.00 -0.23 44.67
CA PRO B 13 8.38 -1.63 44.95
C PRO B 13 8.53 -1.96 46.44
N ASP B 14 8.54 -0.95 47.28
CA ASP B 14 8.69 -1.16 48.71
C ASP B 14 7.37 -1.63 49.35
N ARG B 15 7.35 -2.88 49.81
CA ARG B 15 6.17 -3.44 50.45
C ARG B 15 5.62 -2.48 51.50
N LEU B 16 6.51 -1.83 52.25
CA LEU B 16 6.11 -0.91 53.29
C LEU B 16 5.30 0.24 52.71
N GLU B 17 5.69 0.71 51.52
CA GLU B 17 4.97 1.81 50.85
C GLU B 17 3.61 1.35 50.34
N LEU B 18 3.57 0.16 49.73
CA LEU B 18 2.32 -0.39 49.20
C LEU B 18 1.33 -0.67 50.34
N GLU B 19 1.82 -1.24 51.43
CA GLU B 19 0.95 -1.55 52.57
C GLU B 19 0.42 -0.26 53.16
N ALA B 20 1.29 0.75 53.25
CA ALA B 20 0.87 2.02 53.82
C ALA B 20 -0.22 2.61 52.93
N ALA B 21 -0.01 2.52 51.62
CA ALA B 21 -0.96 3.05 50.67
C ALA B 21 -2.28 2.28 50.75
N GLN B 22 -2.18 0.96 50.77
CA GLN B 22 -3.37 0.12 50.83
C GLN B 22 -4.15 0.38 52.11
N LYS B 23 -3.46 0.42 53.24
CA LYS B 23 -4.15 0.66 54.52
C LYS B 23 -4.85 2.01 54.48
N PHE B 24 -4.17 3.01 53.93
CA PHE B 24 -4.77 4.34 53.82
C PHE B 24 -6.03 4.32 52.94
N LEU B 25 -5.95 3.65 51.80
CA LEU B 25 -7.10 3.58 50.89
C LEU B 25 -8.29 2.83 51.51
N GLU B 26 -8.03 1.69 52.14
CA GLU B 26 -9.09 0.91 52.77
C GLU B 26 -9.78 1.71 53.86
N ARG B 27 -9.00 2.43 54.66
CA ARG B 27 -9.56 3.23 55.74
C ARG B 27 -10.47 4.33 55.22
N ALA B 28 -10.02 5.06 54.20
CA ALA B 28 -10.81 6.15 53.62
C ALA B 28 -12.13 5.61 53.10
N ALA B 29 -12.10 4.41 52.52
CA ALA B 29 -13.30 3.79 51.99
C ALA B 29 -14.29 3.48 53.13
N VAL B 30 -13.77 3.00 54.24
CA VAL B 30 -14.60 2.69 55.40
C VAL B 30 -15.08 3.97 56.08
N GLU B 31 -14.17 4.91 56.26
CA GLU B 31 -14.47 6.19 56.90
C GLU B 31 -15.61 6.96 56.22
N ASN B 32 -15.50 7.16 54.91
CA ASN B 32 -16.51 7.90 54.18
C ASN B 32 -16.43 7.55 52.69
N LEU B 33 -17.09 6.46 52.33
CA LEU B 33 -17.11 5.99 50.96
C LEU B 33 -17.53 7.05 49.93
N PRO B 34 -18.60 7.80 50.22
CA PRO B 34 -19.04 8.83 49.26
C PRO B 34 -17.98 9.87 48.91
N THR B 35 -17.32 10.43 49.92
CA THR B 35 -16.31 11.47 49.67
C THR B 35 -15.08 10.86 49.01
N PHE B 36 -14.74 9.63 49.38
CA PHE B 36 -13.59 8.93 48.83
C PHE B 36 -13.79 8.72 47.33
N LEU B 37 -14.95 8.21 46.95
CA LEU B 37 -15.25 7.95 45.55
C LEU B 37 -15.41 9.22 44.73
N VAL B 38 -15.92 10.29 45.33
CA VAL B 38 -16.05 11.54 44.61
C VAL B 38 -14.65 12.11 44.35
N GLU B 39 -13.81 12.10 45.37
CA GLU B 39 -12.46 12.62 45.21
C GLU B 39 -11.65 11.74 44.23
N LEU B 40 -11.76 10.43 44.36
CA LEU B 40 -11.05 9.53 43.45
C LEU B 40 -11.46 9.84 42.02
N SER B 41 -12.76 10.06 41.79
CA SER B 41 -13.24 10.35 40.46
C SER B 41 -12.69 11.68 39.94
N ARG B 42 -12.38 12.59 40.85
CA ARG B 42 -11.82 13.88 40.44
C ARG B 42 -10.36 13.70 40.03
N VAL B 43 -9.62 12.87 40.76
CA VAL B 43 -8.24 12.62 40.38
C VAL B 43 -8.26 11.97 38.99
N LEU B 44 -9.21 11.06 38.80
CA LEU B 44 -9.36 10.34 37.54
C LEU B 44 -9.61 11.30 36.39
N ALA B 45 -10.54 12.23 36.60
CA ALA B 45 -10.94 13.20 35.59
C ALA B 45 -9.91 14.26 35.21
N ASN B 46 -8.95 14.53 36.08
CA ASN B 46 -7.95 15.55 35.80
C ASN B 46 -6.82 15.08 34.89
N PRO B 47 -6.81 15.56 33.64
CA PRO B 47 -5.75 15.18 32.70
C PRO B 47 -4.39 15.74 33.14
N GLY B 48 -4.38 16.52 34.21
CA GLY B 48 -3.15 17.09 34.72
C GLY B 48 -2.43 16.08 35.60
N ASN B 49 -3.14 15.04 36.02
CA ASN B 49 -2.54 14.02 36.87
C ASN B 49 -1.71 13.03 36.06
N SER B 50 -0.73 12.46 36.73
CA SER B 50 0.10 11.50 36.07
C SER B 50 -0.74 10.27 35.76
N GLN B 51 -0.28 9.47 34.81
CA GLN B 51 -1.00 8.26 34.44
C GLN B 51 -1.15 7.33 35.66
N VAL B 52 -0.09 7.17 36.43
CA VAL B 52 -0.16 6.34 37.62
C VAL B 52 -1.32 6.80 38.51
N ALA B 53 -1.36 8.09 38.83
CA ALA B 53 -2.41 8.62 39.70
C ALA B 53 -3.81 8.40 39.17
N ARG B 54 -3.99 8.64 37.88
CA ARG B 54 -5.30 8.46 37.26
C ARG B 54 -5.73 7.00 37.19
N VAL B 55 -4.83 6.11 36.76
CA VAL B 55 -5.18 4.71 36.68
C VAL B 55 -5.46 4.14 38.09
N ALA B 56 -4.60 4.47 39.05
CA ALA B 56 -4.78 3.97 40.41
C ALA B 56 -6.12 4.41 40.99
N ALA B 57 -6.51 5.67 40.72
CA ALA B 57 -7.79 6.20 41.20
C ALA B 57 -8.93 5.44 40.55
N GLY B 58 -8.83 5.23 39.24
CA GLY B 58 -9.87 4.50 38.53
C GLY B 58 -10.03 3.07 39.02
N LEU B 59 -8.93 2.38 39.30
CA LEU B 59 -9.00 1.02 39.79
C LEU B 59 -9.55 0.97 41.22
N GLN B 60 -9.30 2.00 42.01
CA GLN B 60 -9.82 2.06 43.38
C GLN B 60 -11.35 2.14 43.29
N ILE B 61 -11.84 2.97 42.39
CA ILE B 61 -13.27 3.14 42.19
C ILE B 61 -13.88 1.83 41.66
N LYS B 62 -13.26 1.28 40.63
CA LYS B 62 -13.74 0.04 40.04
C LYS B 62 -13.77 -1.10 41.05
N ASN B 63 -12.72 -1.22 41.84
CA ASN B 63 -12.67 -2.30 42.82
C ASN B 63 -13.59 -2.12 44.01
N SER B 64 -14.31 -1.00 44.03
CA SER B 64 -15.27 -0.73 45.11
C SER B 64 -16.65 -1.16 44.63
N LEU B 65 -16.76 -1.39 43.33
CA LEU B 65 -18.02 -1.76 42.72
C LEU B 65 -18.12 -3.20 42.23
N THR B 66 -17.03 -3.96 42.31
CA THR B 66 -17.07 -5.34 41.84
C THR B 66 -16.13 -6.24 42.62
N SER B 67 -16.21 -7.53 42.33
CA SER B 67 -15.38 -8.53 42.99
C SER B 67 -15.50 -9.83 42.20
N LYS B 68 -14.48 -10.68 42.28
CA LYS B 68 -14.52 -11.98 41.59
C LYS B 68 -15.52 -12.87 42.34
N ASP B 69 -15.80 -12.49 43.59
CA ASP B 69 -16.74 -13.21 44.43
C ASP B 69 -18.13 -12.62 44.23
N PRO B 70 -19.07 -13.41 43.69
CA PRO B 70 -20.45 -12.97 43.43
C PRO B 70 -21.24 -12.41 44.62
N ASP B 71 -20.89 -12.82 45.83
CA ASP B 71 -21.59 -12.31 47.01
C ASP B 71 -21.01 -10.96 47.39
N ILE B 72 -19.68 -10.85 47.38
CA ILE B 72 -19.01 -9.59 47.70
C ILE B 72 -19.48 -8.56 46.67
N LYS B 73 -19.54 -8.97 45.41
CA LYS B 73 -19.97 -8.07 44.36
C LYS B 73 -21.37 -7.55 44.62
N ALA B 74 -22.29 -8.47 44.94
CA ALA B 74 -23.67 -8.08 45.23
C ALA B 74 -23.70 -7.06 46.36
N GLN B 75 -22.87 -7.26 47.38
CA GLN B 75 -22.80 -6.34 48.52
C GLN B 75 -22.21 -4.99 48.08
N TYR B 76 -21.17 -5.03 47.25
CA TYR B 76 -20.56 -3.78 46.78
C TYR B 76 -21.54 -2.98 45.94
N GLN B 77 -22.32 -3.67 45.13
CA GLN B 77 -23.29 -3.01 44.28
C GLN B 77 -24.37 -2.39 45.17
N GLN B 78 -24.72 -3.10 46.24
CA GLN B 78 -25.72 -2.60 47.17
C GLN B 78 -25.16 -1.39 47.91
N ARG B 79 -23.90 -1.49 48.31
CA ARG B 79 -23.23 -0.42 49.03
C ARG B 79 -23.25 0.84 48.20
N TRP B 80 -23.04 0.69 46.90
CA TRP B 80 -23.02 1.82 45.99
C TRP B 80 -24.41 2.42 45.86
N LEU B 81 -25.40 1.58 45.63
CA LEU B 81 -26.77 2.05 45.48
C LEU B 81 -27.28 2.78 46.72
N ALA B 82 -26.72 2.44 47.88
CA ALA B 82 -27.12 3.07 49.14
C ALA B 82 -26.47 4.44 49.29
N ILE B 83 -25.52 4.75 48.43
CA ILE B 83 -24.85 6.05 48.50
C ILE B 83 -25.80 7.15 48.07
N ASP B 84 -25.63 8.32 48.66
CA ASP B 84 -26.44 9.48 48.31
C ASP B 84 -26.47 9.63 46.79
N ALA B 85 -27.67 9.59 46.21
CA ALA B 85 -27.83 9.71 44.78
C ALA B 85 -27.13 10.92 44.14
N ASN B 86 -27.03 12.03 44.86
CA ASN B 86 -26.36 13.22 44.35
C ASN B 86 -24.85 13.02 44.28
N ALA B 87 -24.30 12.33 45.27
CA ALA B 87 -22.86 12.06 45.28
C ALA B 87 -22.56 11.11 44.13
N ARG B 88 -23.40 10.08 43.97
CA ARG B 88 -23.24 9.11 42.88
C ARG B 88 -23.30 9.84 41.54
N ARG B 89 -24.19 10.83 41.44
CA ARG B 89 -24.30 11.59 40.22
C ARG B 89 -22.97 12.32 39.99
N GLU B 90 -22.33 12.71 41.08
CA GLU B 90 -21.04 13.39 41.01
C GLU B 90 -19.98 12.44 40.45
N VAL B 91 -19.91 11.24 41.02
CA VAL B 91 -18.95 10.25 40.56
C VAL B 91 -19.23 9.92 39.10
N LYS B 92 -20.50 9.68 38.77
CA LYS B 92 -20.85 9.35 37.40
C LYS B 92 -20.50 10.46 36.41
N ASN B 93 -20.72 11.72 36.80
CA ASN B 93 -20.40 12.81 35.90
C ASN B 93 -18.89 12.87 35.63
N TYR B 94 -18.10 12.94 36.70
CA TYR B 94 -16.64 12.99 36.55
C TYR B 94 -16.10 11.81 35.75
N VAL B 95 -16.68 10.64 35.96
CA VAL B 95 -16.25 9.44 35.25
C VAL B 95 -16.51 9.54 33.76
N LEU B 96 -17.73 9.93 33.37
CA LEU B 96 -18.06 10.04 31.95
C LEU B 96 -17.24 11.14 31.29
N GLN B 97 -17.03 12.23 32.01
CA GLN B 97 -16.28 13.35 31.49
C GLN B 97 -14.82 13.01 31.23
N THR B 98 -14.31 11.96 31.84
CA THR B 98 -12.91 11.63 31.59
C THR B 98 -12.72 10.84 30.30
N LEU B 99 -13.81 10.29 29.76
CA LEU B 99 -13.72 9.55 28.50
C LEU B 99 -13.24 10.52 27.41
N GLY B 100 -12.08 10.24 26.83
CA GLY B 100 -11.54 11.11 25.80
C GLY B 100 -10.45 12.04 26.34
N THR B 101 -10.12 11.91 27.63
CA THR B 101 -9.11 12.78 28.21
C THR B 101 -7.89 12.03 28.73
N GLU B 102 -7.83 10.73 28.49
CA GLU B 102 -6.69 9.91 28.92
C GLU B 102 -5.81 9.69 27.71
N THR B 103 -4.54 10.10 27.82
CA THR B 103 -3.61 9.95 26.71
C THR B 103 -3.02 8.53 26.58
N TYR B 104 -3.34 7.66 27.54
CA TYR B 104 -2.85 6.28 27.50
C TYR B 104 -3.98 5.38 26.94
N ARG B 105 -3.63 4.31 26.24
CA ARG B 105 -4.60 3.42 25.59
C ARG B 105 -5.69 2.73 26.41
N PRO B 106 -5.37 1.62 27.10
CA PRO B 106 -6.54 1.11 27.83
C PRO B 106 -6.86 2.19 28.87
N SER B 107 -8.06 2.74 28.83
CA SER B 107 -8.42 3.79 29.78
C SER B 107 -8.99 3.19 31.06
N SER B 108 -8.90 3.93 32.16
CA SER B 108 -9.44 3.41 33.41
C SER B 108 -10.87 3.85 33.69
N ALA B 109 -11.30 4.95 33.08
CA ALA B 109 -12.67 5.41 33.29
C ALA B 109 -13.65 4.37 32.74
N SER B 110 -13.27 3.70 31.66
CA SER B 110 -14.14 2.69 31.06
C SER B 110 -14.55 1.61 32.04
N GLN B 111 -13.60 1.15 32.85
CA GLN B 111 -13.90 0.12 33.83
C GLN B 111 -14.85 0.63 34.91
N CYS B 112 -14.69 1.90 35.27
CA CYS B 112 -15.54 2.51 36.27
C CYS B 112 -16.95 2.58 35.72
N VAL B 113 -17.07 3.05 34.49
CA VAL B 113 -18.37 3.15 33.85
C VAL B 113 -19.09 1.81 33.89
N ALA B 114 -18.37 0.74 33.60
CA ALA B 114 -18.97 -0.58 33.59
C ALA B 114 -19.32 -1.07 34.99
N GLY B 115 -18.46 -0.74 35.96
CA GLY B 115 -18.71 -1.18 37.32
C GLY B 115 -19.99 -0.59 37.88
N ILE B 116 -20.16 0.72 37.66
CA ILE B 116 -21.34 1.42 38.12
C ILE B 116 -22.56 1.00 37.29
N ALA B 117 -22.36 0.78 35.99
CA ALA B 117 -23.44 0.36 35.11
C ALA B 117 -24.06 -0.97 35.52
N CYS B 118 -23.23 -1.93 35.89
CA CYS B 118 -23.73 -3.25 36.30
C CYS B 118 -24.57 -3.18 37.58
N ALA B 119 -24.33 -2.17 38.39
CA ALA B 119 -25.08 -2.03 39.63
C ALA B 119 -26.35 -1.20 39.45
N GLU B 120 -26.27 -0.15 38.64
CA GLU B 120 -27.41 0.74 38.44
C GLU B 120 -28.41 0.39 37.35
N ILE B 121 -27.94 -0.20 36.26
CA ILE B 121 -28.84 -0.56 35.18
C ILE B 121 -29.89 -1.58 35.58
N PRO B 122 -29.49 -2.66 36.28
CA PRO B 122 -30.50 -3.67 36.67
C PRO B 122 -31.57 -3.15 37.64
N VAL B 123 -31.40 -1.93 38.12
CA VAL B 123 -32.36 -1.29 39.00
C VAL B 123 -32.81 -0.05 38.24
N ASN B 124 -32.36 0.06 37.00
CA ASN B 124 -32.73 1.18 36.15
C ASN B 124 -32.46 2.51 36.81
N GLN B 125 -31.18 2.82 37.06
CA GLN B 125 -30.86 4.08 37.71
C GLN B 125 -29.95 5.04 36.96
N TRP B 126 -29.38 4.58 35.85
CA TRP B 126 -28.51 5.45 35.05
C TRP B 126 -29.04 5.41 33.61
N PRO B 127 -30.32 5.83 33.43
CA PRO B 127 -30.98 5.85 32.11
C PRO B 127 -30.29 6.69 31.06
N GLU B 128 -29.41 7.58 31.48
CA GLU B 128 -28.71 8.42 30.53
C GLU B 128 -27.41 7.78 30.05
N LEU B 129 -27.00 6.68 30.68
CA LEU B 129 -25.75 6.05 30.27
C LEU B 129 -25.66 5.61 28.82
N ILE B 130 -26.40 4.57 28.46
CA ILE B 130 -26.38 4.04 27.11
C ILE B 130 -26.56 5.08 26.01
N PRO B 131 -27.51 6.01 26.18
CA PRO B 131 -27.69 7.02 25.13
C PRO B 131 -26.48 7.92 24.96
N GLN B 132 -25.85 8.29 26.08
CA GLN B 132 -24.67 9.14 26.05
C GLN B 132 -23.49 8.43 25.36
N LEU B 133 -23.30 7.15 25.69
CA LEU B 133 -22.22 6.38 25.09
C LEU B 133 -22.42 6.21 23.60
N VAL B 134 -23.66 5.94 23.20
CA VAL B 134 -23.98 5.77 21.79
C VAL B 134 -23.67 7.05 21.03
N ALA B 135 -24.01 8.18 21.62
CA ALA B 135 -23.77 9.48 21.00
C ALA B 135 -22.29 9.80 20.94
N ASN B 136 -21.53 9.32 21.92
CA ASN B 136 -20.10 9.57 21.94
C ASN B 136 -19.41 8.90 20.75
N VAL B 137 -19.94 7.74 20.35
CA VAL B 137 -19.38 6.98 19.24
C VAL B 137 -19.80 7.49 17.87
N THR B 138 -21.08 7.82 17.73
CA THR B 138 -21.60 8.27 16.44
C THR B 138 -21.37 9.74 16.12
N ASN B 139 -21.22 10.59 17.13
CA ASN B 139 -20.98 12.02 16.89
C ASN B 139 -19.80 12.17 15.92
N PRO B 140 -20.01 12.87 14.80
CA PRO B 140 -18.97 13.07 13.79
C PRO B 140 -17.75 13.82 14.32
N ASN B 141 -17.98 14.69 15.31
CA ASN B 141 -16.91 15.50 15.90
C ASN B 141 -16.21 14.85 17.09
N SER B 142 -16.60 13.63 17.45
CA SER B 142 -15.95 12.95 18.56
C SER B 142 -14.49 12.67 18.23
N THR B 143 -13.59 12.88 19.20
CA THR B 143 -12.16 12.63 19.01
C THR B 143 -11.91 11.12 19.00
N GLU B 144 -10.73 10.71 18.58
CA GLU B 144 -10.40 9.31 18.55
C GLU B 144 -10.39 8.73 19.96
N HIS B 145 -9.85 9.47 20.92
CA HIS B 145 -9.81 9.02 22.30
C HIS B 145 -11.22 8.89 22.87
N MET B 146 -12.10 9.80 22.46
CA MET B 146 -13.48 9.79 22.91
C MET B 146 -14.13 8.50 22.41
N LYS B 147 -13.91 8.17 21.14
CA LYS B 147 -14.49 6.95 20.56
C LYS B 147 -13.94 5.67 21.18
N GLU B 148 -12.61 5.58 21.32
CA GLU B 148 -11.97 4.40 21.92
C GLU B 148 -12.49 4.15 23.32
N SER B 149 -12.34 5.17 24.16
CA SER B 149 -12.77 5.15 25.56
C SER B 149 -14.15 4.56 25.74
N THR B 150 -15.13 5.09 25.02
CA THR B 150 -16.48 4.58 25.21
C THR B 150 -16.71 3.23 24.56
N LEU B 151 -16.02 2.92 23.46
CA LEU B 151 -16.18 1.61 22.85
C LEU B 151 -15.71 0.56 23.86
N GLU B 152 -14.59 0.86 24.52
CA GLU B 152 -14.04 -0.05 25.55
C GLU B 152 -15.13 -0.26 26.62
N ALA B 153 -15.69 0.86 27.08
CA ALA B 153 -16.73 0.86 28.11
C ALA B 153 -17.97 0.05 27.69
N ILE B 154 -18.42 0.28 26.48
CA ILE B 154 -19.59 -0.42 25.96
C ILE B 154 -19.30 -1.92 25.97
N GLY B 155 -18.12 -2.31 25.47
CA GLY B 155 -17.78 -3.71 25.47
C GLY B 155 -17.71 -4.30 26.88
N TYR B 156 -17.13 -3.56 27.82
CA TYR B 156 -17.01 -4.05 29.19
C TYR B 156 -18.40 -4.25 29.78
N ILE B 157 -19.28 -3.27 29.57
CA ILE B 157 -20.64 -3.37 30.09
C ILE B 157 -21.29 -4.66 29.59
N CYS B 158 -21.28 -4.89 28.27
CA CYS B 158 -21.88 -6.09 27.71
C CYS B 158 -21.23 -7.39 28.16
N GLN B 159 -19.93 -7.34 28.44
CA GLN B 159 -19.23 -8.53 28.90
C GLN B 159 -19.56 -8.82 30.36
N ASP B 160 -19.80 -7.76 31.14
CA ASP B 160 -20.06 -7.88 32.59
C ASP B 160 -21.48 -7.94 33.19
N ILE B 161 -22.48 -7.29 32.58
CA ILE B 161 -23.83 -7.35 33.15
C ILE B 161 -24.59 -8.59 32.75
N ASP B 162 -25.56 -8.99 33.56
CA ASP B 162 -26.40 -10.13 33.19
C ASP B 162 -27.06 -9.63 31.93
N PRO B 163 -26.99 -10.40 30.83
CA PRO B 163 -27.59 -10.04 29.54
C PRO B 163 -29.00 -9.48 29.73
N GLU B 164 -29.83 -10.31 30.33
CA GLU B 164 -31.22 -10.00 30.61
C GLU B 164 -31.51 -8.56 30.95
N GLN B 165 -30.61 -7.93 31.71
CA GLN B 165 -30.84 -6.56 32.12
C GLN B 165 -30.58 -5.46 31.09
N LEU B 166 -29.88 -5.79 30.00
CA LEU B 166 -29.60 -4.75 29.00
C LEU B 166 -30.11 -5.01 27.59
N GLN B 167 -30.86 -6.09 27.39
CA GLN B 167 -31.41 -6.41 26.07
C GLN B 167 -32.26 -5.32 25.43
N ASP B 168 -32.99 -4.58 26.26
CA ASP B 168 -33.85 -3.51 25.73
C ASP B 168 -33.09 -2.48 24.90
N LYS B 169 -31.77 -2.60 24.87
CA LYS B 169 -30.95 -1.64 24.11
C LYS B 169 -29.83 -2.26 23.31
N SER B 170 -29.89 -3.57 23.10
CA SER B 170 -28.85 -4.29 22.36
C SER B 170 -28.67 -3.72 20.95
N ASN B 171 -29.78 -3.49 20.25
CA ASN B 171 -29.72 -2.97 18.90
C ASN B 171 -28.99 -1.64 18.78
N GLU B 172 -29.18 -0.79 19.79
CA GLU B 172 -28.55 0.52 19.83
C GLU B 172 -27.07 0.35 20.17
N ILE B 173 -26.77 -0.65 21.01
CA ILE B 173 -25.40 -0.92 21.39
C ILE B 173 -24.65 -1.49 20.19
N LEU B 174 -25.25 -2.47 19.53
CA LEU B 174 -24.65 -3.08 18.34
C LEU B 174 -24.37 -2.03 17.27
N THR B 175 -25.29 -1.10 17.10
CA THR B 175 -25.11 -0.06 16.11
C THR B 175 -23.86 0.79 16.37
N ALA B 176 -23.62 1.14 17.63
CA ALA B 176 -22.44 1.93 17.96
C ALA B 176 -21.17 1.11 17.68
N ILE B 177 -21.20 -0.16 18.06
CA ILE B 177 -20.06 -1.03 17.87
C ILE B 177 -19.70 -1.20 16.39
N ILE B 178 -20.69 -1.37 15.53
CA ILE B 178 -20.43 -1.50 14.10
C ILE B 178 -19.91 -0.18 13.54
N GLN B 179 -20.47 0.94 14.00
CA GLN B 179 -20.03 2.24 13.53
C GLN B 179 -18.53 2.35 13.79
N GLY B 180 -18.11 1.95 14.98
CA GLY B 180 -16.71 2.00 15.35
C GLY B 180 -15.85 1.00 14.60
N MET B 181 -16.47 -0.07 14.11
CA MET B 181 -15.76 -1.12 13.37
C MET B 181 -15.69 -0.88 11.86
N ARG B 182 -16.74 -0.27 11.30
CA ARG B 182 -16.81 -0.05 9.86
C ARG B 182 -15.61 0.60 9.15
N LYS B 183 -15.45 0.16 7.91
CA LYS B 183 -14.40 0.59 7.00
C LYS B 183 -14.16 2.10 7.00
N GLU B 184 -15.24 2.87 6.82
CA GLU B 184 -15.11 4.32 6.78
C GLU B 184 -14.47 4.96 8.02
N GLU B 185 -14.53 4.28 9.17
CA GLU B 185 -13.90 4.86 10.37
C GLU B 185 -12.41 5.02 10.10
N PRO B 186 -11.90 6.25 10.19
CA PRO B 186 -10.49 6.55 9.94
C PRO B 186 -9.41 6.00 10.90
N SER B 187 -9.68 6.02 12.20
CA SER B 187 -8.68 5.54 13.17
C SER B 187 -8.67 4.03 13.41
N ASN B 188 -7.48 3.43 13.28
CA ASN B 188 -7.28 2.00 13.49
C ASN B 188 -7.41 1.68 14.98
N ASN B 189 -7.07 2.65 15.82
CA ASN B 189 -7.17 2.46 17.26
C ASN B 189 -8.65 2.33 17.63
N VAL B 190 -9.50 3.09 16.95
CA VAL B 190 -10.94 3.07 17.16
C VAL B 190 -11.50 1.75 16.63
N LYS B 191 -11.09 1.38 15.43
CA LYS B 191 -11.53 0.13 14.82
C LYS B 191 -11.15 -1.03 15.74
N LEU B 192 -9.97 -0.95 16.35
CA LEU B 192 -9.48 -1.98 17.25
C LEU B 192 -10.35 -2.04 18.50
N ALA B 193 -10.58 -0.87 19.11
CA ALA B 193 -11.41 -0.78 20.30
C ALA B 193 -12.80 -1.35 20.01
N ALA B 194 -13.35 -1.03 18.84
CA ALA B 194 -14.68 -1.52 18.49
C ALA B 194 -14.69 -3.02 18.26
N THR B 195 -13.68 -3.54 17.56
CA THR B 195 -13.59 -4.97 17.28
C THR B 195 -13.41 -5.73 18.58
N ASN B 196 -12.71 -5.12 19.53
CA ASN B 196 -12.48 -5.75 20.84
C ASN B 196 -13.78 -5.70 21.62
N ALA B 197 -14.49 -4.59 21.52
CA ALA B 197 -15.77 -4.42 22.20
C ALA B 197 -16.75 -5.48 21.69
N LEU B 198 -16.76 -5.73 20.38
CA LEU B 198 -17.66 -6.75 19.84
C LEU B 198 -17.31 -8.11 20.43
N LEU B 199 -16.02 -8.44 20.46
CA LEU B 199 -15.57 -9.73 20.98
C LEU B 199 -15.98 -9.91 22.44
N ASN B 200 -15.84 -8.84 23.25
CA ASN B 200 -16.20 -8.90 24.66
C ASN B 200 -17.72 -8.98 24.78
N SER B 201 -18.44 -8.55 23.75
CA SER B 201 -19.90 -8.54 23.76
C SER B 201 -20.59 -9.68 23.01
N LEU B 202 -19.83 -10.59 22.39
CA LEU B 202 -20.45 -11.66 21.62
C LEU B 202 -21.48 -12.49 22.36
N GLU B 203 -21.18 -12.90 23.59
CA GLU B 203 -22.11 -13.71 24.36
C GLU B 203 -23.35 -12.90 24.73
N PHE B 204 -23.18 -11.60 24.92
CA PHE B 204 -24.30 -10.73 25.26
C PHE B 204 -25.25 -10.52 24.07
N THR B 205 -24.72 -10.63 22.85
CA THR B 205 -25.53 -10.43 21.65
C THR B 205 -26.24 -11.69 21.13
N LYS B 206 -26.37 -12.70 21.97
CA LYS B 206 -27.03 -13.94 21.57
C LYS B 206 -28.40 -13.69 20.94
N ALA B 207 -29.18 -12.80 21.54
CA ALA B 207 -30.51 -12.49 21.06
C ALA B 207 -30.49 -11.92 19.66
N ASN B 208 -29.52 -11.04 19.45
CA ASN B 208 -29.38 -10.40 18.16
C ASN B 208 -28.99 -11.41 17.11
N PHE B 209 -28.17 -12.39 17.50
CA PHE B 209 -27.73 -13.40 16.55
C PHE B 209 -28.91 -14.22 16.04
N ASP B 210 -30.00 -14.21 16.80
CA ASP B 210 -31.19 -14.96 16.40
C ASP B 210 -31.98 -14.19 15.35
N LYS B 211 -31.72 -12.88 15.23
CA LYS B 211 -32.38 -12.05 14.22
C LYS B 211 -31.54 -12.07 12.96
N GLU B 212 -31.99 -12.83 11.96
CA GLU B 212 -31.27 -12.96 10.71
C GLU B 212 -30.71 -11.65 10.16
N SER B 213 -31.55 -10.64 10.02
CA SER B 213 -31.10 -9.36 9.48
C SER B 213 -29.90 -8.80 10.23
N GLU B 214 -29.96 -8.84 11.56
CA GLU B 214 -28.89 -8.34 12.39
C GLU B 214 -27.69 -9.26 12.34
N ARG B 215 -27.94 -10.57 12.25
CA ARG B 215 -26.86 -11.54 12.19
C ARG B 215 -26.03 -11.26 10.94
N HIS B 216 -26.71 -10.98 9.84
CA HIS B 216 -26.04 -10.69 8.59
C HIS B 216 -25.13 -9.45 8.71
N PHE B 217 -25.61 -8.43 9.41
CA PHE B 217 -24.85 -7.20 9.59
C PHE B 217 -23.59 -7.40 10.44
N ILE B 218 -23.68 -8.24 11.47
CA ILE B 218 -22.54 -8.50 12.33
C ILE B 218 -21.43 -9.24 11.56
N MET B 219 -21.80 -10.27 10.80
CA MET B 219 -20.84 -11.02 10.01
C MET B 219 -20.26 -10.09 8.97
N GLN B 220 -21.10 -9.15 8.54
CA GLN B 220 -20.77 -8.13 7.55
C GLN B 220 -19.52 -7.39 7.99
N VAL B 221 -19.64 -6.71 9.13
CA VAL B 221 -18.57 -5.90 9.67
C VAL B 221 -17.34 -6.68 10.12
N VAL B 222 -17.53 -7.90 10.61
CA VAL B 222 -16.40 -8.71 11.06
C VAL B 222 -15.50 -9.12 9.88
N CYS B 223 -16.11 -9.69 8.84
CA CYS B 223 -15.38 -10.10 7.65
C CYS B 223 -14.62 -8.94 7.05
N GLU B 224 -15.28 -7.78 7.02
CA GLU B 224 -14.68 -6.58 6.47
C GLU B 224 -13.49 -6.18 7.33
N ALA B 225 -13.64 -6.27 8.66
CA ALA B 225 -12.56 -5.92 9.56
C ALA B 225 -11.35 -6.84 9.37
N THR B 226 -11.58 -8.09 8.92
CA THR B 226 -10.48 -9.01 8.70
C THR B 226 -9.65 -8.55 7.51
N GLN B 227 -10.16 -7.55 6.77
CA GLN B 227 -9.47 -7.03 5.60
C GLN B 227 -8.81 -5.68 5.87
N CYS B 228 -8.98 -5.17 7.10
CA CYS B 228 -8.39 -3.91 7.49
C CYS B 228 -6.88 -3.98 7.35
N PRO B 229 -6.24 -2.93 6.82
CA PRO B 229 -4.78 -2.90 6.65
C PRO B 229 -4.01 -3.13 7.96
N ASP B 230 -4.54 -2.58 9.05
CA ASP B 230 -3.91 -2.69 10.37
C ASP B 230 -3.93 -4.13 10.87
N THR B 231 -2.75 -4.67 11.10
CA THR B 231 -2.59 -6.04 11.58
C THR B 231 -3.37 -6.33 12.87
N ARG B 232 -3.34 -5.41 13.83
CA ARG B 232 -4.07 -5.64 15.07
C ARG B 232 -5.57 -5.75 14.87
N VAL B 233 -6.13 -4.94 13.99
CA VAL B 233 -7.56 -5.03 13.74
C VAL B 233 -7.88 -6.36 13.06
N ARG B 234 -7.03 -6.78 12.12
CA ARG B 234 -7.24 -8.06 11.42
C ARG B 234 -7.29 -9.21 12.41
N VAL B 235 -6.28 -9.29 13.26
CA VAL B 235 -6.19 -10.34 14.27
C VAL B 235 -7.43 -10.39 15.17
N ALA B 236 -7.84 -9.23 15.67
CA ALA B 236 -9.00 -9.14 16.55
C ALA B 236 -10.26 -9.58 15.82
N ALA B 237 -10.35 -9.23 14.54
CA ALA B 237 -11.49 -9.59 13.71
C ALA B 237 -11.51 -11.09 13.50
N LEU B 238 -10.34 -11.67 13.22
CA LEU B 238 -10.26 -13.11 13.02
C LEU B 238 -10.64 -13.80 14.34
N GLN B 239 -10.25 -13.21 15.47
CA GLN B 239 -10.57 -13.81 16.76
C GLN B 239 -12.08 -13.81 16.97
N ASN B 240 -12.76 -12.80 16.44
CA ASN B 240 -14.22 -12.74 16.53
C ASN B 240 -14.80 -13.93 15.75
N LEU B 241 -14.28 -14.21 14.56
CA LEU B 241 -14.78 -15.33 13.77
C LEU B 241 -14.60 -16.64 14.55
N VAL B 242 -13.46 -16.80 15.21
CA VAL B 242 -13.20 -18.00 15.98
C VAL B 242 -14.27 -18.14 17.08
N LYS B 243 -14.46 -17.07 17.84
CA LYS B 243 -15.43 -17.08 18.92
C LYS B 243 -16.86 -17.30 18.40
N ILE B 244 -17.18 -16.68 17.26
CA ILE B 244 -18.50 -16.81 16.67
C ILE B 244 -18.76 -18.27 16.26
N MET B 245 -17.76 -18.92 15.68
CA MET B 245 -17.91 -20.31 15.28
C MET B 245 -18.16 -21.18 16.52
N SER B 246 -17.61 -20.79 17.65
CA SER B 246 -17.80 -21.56 18.88
C SER B 246 -19.16 -21.30 19.53
N LEU B 247 -19.61 -20.04 19.50
CA LEU B 247 -20.90 -19.70 20.12
C LEU B 247 -22.12 -19.89 19.21
N TYR B 248 -21.93 -19.63 17.91
CA TYR B 248 -23.02 -19.72 16.96
C TYR B 248 -22.78 -20.65 15.79
N TYR B 249 -22.21 -21.81 16.07
CA TYR B 249 -21.92 -22.80 15.02
C TYR B 249 -23.03 -23.01 14.00
N GLN B 250 -24.26 -23.18 14.48
CA GLN B 250 -25.35 -23.46 13.56
C GLN B 250 -25.79 -22.36 12.54
N TYR B 251 -25.33 -21.11 12.69
CA TYR B 251 -25.68 -20.04 11.74
C TYR B 251 -24.61 -19.82 10.68
N MET B 252 -23.53 -20.59 10.76
CA MET B 252 -22.41 -20.42 9.84
C MET B 252 -22.52 -20.89 8.39
N GLU B 253 -23.49 -21.77 8.13
CA GLU B 253 -23.73 -22.29 6.78
C GLU B 253 -23.73 -21.20 5.73
N THR B 254 -24.60 -20.22 5.92
CA THR B 254 -24.76 -19.13 4.96
C THR B 254 -23.51 -18.28 4.76
N TYR B 255 -22.56 -18.38 5.68
CA TYR B 255 -21.34 -17.56 5.61
C TYR B 255 -20.08 -18.35 5.23
N MET B 256 -20.09 -19.65 5.50
CA MET B 256 -18.98 -20.53 5.18
C MET B 256 -19.08 -20.83 3.69
N GLY B 257 -18.03 -20.56 2.94
CA GLY B 257 -18.10 -20.82 1.51
C GLY B 257 -18.19 -19.48 0.81
N PRO B 258 -19.29 -18.73 1.02
CA PRO B 258 -19.38 -17.43 0.37
C PRO B 258 -18.51 -16.37 1.03
N ALA B 259 -17.83 -16.71 2.13
CA ALA B 259 -16.98 -15.72 2.80
C ALA B 259 -15.92 -16.23 3.80
N LEU B 260 -16.35 -16.97 4.83
CA LEU B 260 -15.42 -17.42 5.84
C LEU B 260 -14.25 -18.23 5.30
N PHE B 261 -14.55 -19.16 4.41
CA PHE B 261 -13.51 -20.02 3.84
C PHE B 261 -12.31 -19.30 3.23
N ALA B 262 -12.56 -18.42 2.27
CA ALA B 262 -11.47 -17.68 1.62
C ALA B 262 -10.75 -16.74 2.59
N ILE B 263 -11.48 -16.12 3.51
CA ILE B 263 -10.85 -15.20 4.45
C ILE B 263 -9.87 -15.94 5.35
N THR B 264 -10.33 -17.02 5.96
CA THR B 264 -9.47 -17.80 6.85
C THR B 264 -8.32 -18.46 6.11
N ILE B 265 -8.57 -18.92 4.88
CA ILE B 265 -7.52 -19.54 4.07
C ILE B 265 -6.44 -18.50 3.76
N GLU B 266 -6.87 -17.29 3.42
CA GLU B 266 -5.93 -16.20 3.13
C GLU B 266 -5.10 -15.88 4.37
N ALA B 267 -5.75 -15.80 5.52
CA ALA B 267 -5.07 -15.48 6.77
C ALA B 267 -4.00 -16.52 7.09
N MET B 268 -4.33 -17.79 6.91
CA MET B 268 -3.37 -18.87 7.17
C MET B 268 -2.08 -18.69 6.36
N LYS B 269 -2.19 -18.20 5.14
CA LYS B 269 -1.02 -18.01 4.27
C LYS B 269 -0.27 -16.71 4.53
N SER B 270 -0.84 -15.85 5.35
CA SER B 270 -0.19 -14.58 5.64
C SER B 270 1.21 -14.77 6.20
N ASP B 271 2.09 -13.82 5.90
CA ASP B 271 3.46 -13.85 6.41
C ASP B 271 3.51 -13.14 7.74
N ILE B 272 2.38 -12.57 8.15
CA ILE B 272 2.30 -11.90 9.43
C ILE B 272 1.86 -13.00 10.42
N ASP B 273 2.81 -13.46 11.23
CA ASP B 273 2.57 -14.54 12.18
C ASP B 273 1.29 -14.48 13.00
N GLU B 274 1.04 -13.36 13.67
CA GLU B 274 -0.17 -13.26 14.47
C GLU B 274 -1.44 -13.47 13.65
N VAL B 275 -1.39 -13.13 12.36
CA VAL B 275 -2.54 -13.30 11.46
C VAL B 275 -2.67 -14.77 11.07
N ALA B 276 -1.57 -15.40 10.70
CA ALA B 276 -1.60 -16.82 10.32
C ALA B 276 -2.07 -17.67 11.51
N LEU B 277 -1.63 -17.30 12.70
CA LEU B 277 -2.02 -18.01 13.91
C LEU B 277 -3.54 -18.09 14.05
N GLN B 278 -4.23 -16.97 13.83
CA GLN B 278 -5.68 -16.99 13.95
C GLN B 278 -6.37 -17.72 12.80
N GLY B 279 -5.80 -17.60 11.60
CA GLY B 279 -6.36 -18.28 10.46
C GLY B 279 -6.29 -19.77 10.73
N ILE B 280 -5.20 -20.20 11.36
CA ILE B 280 -5.01 -21.61 11.71
C ILE B 280 -5.96 -22.00 12.84
N GLU B 281 -6.07 -21.13 13.85
CA GLU B 281 -6.94 -21.41 14.98
C GLU B 281 -8.39 -21.54 14.52
N PHE B 282 -8.78 -20.77 13.53
CA PHE B 282 -10.15 -20.85 13.04
C PHE B 282 -10.49 -22.31 12.72
N TRP B 283 -9.61 -22.97 11.98
CA TRP B 283 -9.84 -24.35 11.60
C TRP B 283 -9.57 -25.36 12.71
N SER B 284 -8.59 -25.09 13.57
CA SER B 284 -8.35 -26.00 14.68
C SER B 284 -9.60 -25.95 15.55
N ASN B 285 -10.19 -24.76 15.67
CA ASN B 285 -11.39 -24.56 16.47
C ASN B 285 -12.59 -25.27 15.83
N VAL B 286 -12.67 -25.25 14.51
CA VAL B 286 -13.76 -25.94 13.83
C VAL B 286 -13.66 -27.43 14.15
N CYS B 287 -12.44 -27.95 14.23
CA CYS B 287 -12.25 -29.36 14.55
C CYS B 287 -12.72 -29.65 15.97
N ASP B 288 -12.42 -28.76 16.91
CA ASP B 288 -12.83 -28.94 18.30
C ASP B 288 -14.36 -28.95 18.42
N GLU B 289 -15.03 -28.06 17.68
CA GLU B 289 -16.48 -27.97 17.74
C GLU B 289 -17.15 -29.16 17.07
N GLU B 290 -16.60 -29.57 15.92
CA GLU B 290 -17.15 -30.69 15.20
C GLU B 290 -16.88 -32.04 15.89
N MET B 291 -15.80 -32.11 16.68
CA MET B 291 -15.48 -33.33 17.41
C MET B 291 -16.47 -33.50 18.55
N ASP B 292 -17.02 -32.38 19.00
CA ASP B 292 -18.02 -32.42 20.07
C ASP B 292 -19.34 -32.85 19.47
N LEU B 293 -19.71 -32.21 18.37
CA LEU B 293 -20.95 -32.54 17.67
C LEU B 293 -20.96 -34.00 17.30
N ALA B 294 -19.79 -34.63 17.30
CA ALA B 294 -19.65 -36.03 16.97
C ALA B 294 -19.81 -36.89 18.22
N ILE B 295 -19.31 -36.38 19.35
CA ILE B 295 -19.42 -37.11 20.61
C ILE B 295 -20.86 -36.98 21.08
N GLU B 296 -21.49 -35.89 20.65
CA GLU B 296 -22.88 -35.63 20.98
C GLU B 296 -23.73 -36.60 20.16
N ALA B 297 -23.56 -36.52 18.85
CA ALA B 297 -24.28 -37.37 17.90
C ALA B 297 -24.10 -38.85 18.24
N SER B 298 -22.93 -39.19 18.79
CA SER B 298 -22.67 -40.57 19.18
C SER B 298 -23.65 -40.82 20.32
N GLU B 299 -24.92 -40.91 19.95
CA GLU B 299 -25.99 -41.11 20.91
C GLU B 299 -26.91 -42.24 20.47
N ALA B 300 -26.32 -43.31 19.97
CA ALA B 300 -27.09 -44.48 19.59
C ALA B 300 -27.42 -45.13 20.92
N ALA B 301 -27.39 -44.30 21.96
CA ALA B 301 -27.74 -44.67 23.34
C ALA B 301 -29.20 -44.22 23.30
N GLU B 302 -29.39 -43.02 22.75
CA GLU B 302 -30.67 -42.38 22.50
C GLU B 302 -31.49 -41.60 23.55
N GLN B 303 -32.38 -40.77 22.96
CA GLN B 303 -33.36 -39.88 23.59
C GLN B 303 -33.68 -38.83 22.50
N GLY B 304 -34.38 -39.28 21.46
CA GLY B 304 -34.75 -38.41 20.35
C GLY B 304 -33.69 -38.39 19.25
N ARG B 305 -33.59 -37.26 18.56
CA ARG B 305 -32.60 -37.08 17.50
C ARG B 305 -31.41 -36.36 18.13
N PRO B 306 -30.31 -36.18 17.39
CA PRO B 306 -29.18 -35.47 18.02
C PRO B 306 -29.71 -34.18 18.65
N PRO B 307 -29.37 -33.93 19.93
CA PRO B 307 -29.84 -32.72 20.64
C PRO B 307 -30.27 -31.61 19.69
N GLU B 308 -29.28 -30.87 19.19
CA GLU B 308 -29.50 -29.79 18.24
C GLU B 308 -28.23 -29.79 17.40
N HIS B 309 -27.60 -30.97 17.40
CA HIS B 309 -26.38 -31.24 16.66
C HIS B 309 -26.61 -31.19 15.17
N THR B 310 -25.69 -30.54 14.47
CA THR B 310 -25.80 -30.43 13.03
C THR B 310 -24.40 -30.33 12.44
N SER B 311 -23.45 -31.07 13.01
CA SER B 311 -22.10 -31.05 12.50
C SER B 311 -22.25 -31.08 10.98
N LYS B 312 -21.84 -30.01 10.32
CA LYS B 312 -21.92 -29.90 8.88
C LYS B 312 -20.59 -30.29 8.26
N PHE B 313 -19.74 -30.89 9.09
CA PHE B 313 -18.41 -31.33 8.68
C PHE B 313 -17.70 -30.33 7.77
N TYR B 314 -17.41 -29.15 8.32
CA TYR B 314 -16.73 -28.12 7.54
C TYR B 314 -15.27 -28.54 7.36
N ALA B 315 -14.70 -29.14 8.39
CA ALA B 315 -13.30 -29.60 8.35
C ALA B 315 -13.09 -30.61 7.23
N LYS B 316 -13.98 -31.59 7.17
CA LYS B 316 -13.91 -32.63 6.14
C LYS B 316 -13.96 -31.96 4.76
N GLY B 317 -14.81 -30.97 4.62
CA GLY B 317 -14.93 -30.26 3.35
C GLY B 317 -13.79 -29.33 2.99
N ALA B 318 -13.07 -28.81 3.98
CA ALA B 318 -11.95 -27.91 3.70
C ALA B 318 -10.61 -28.64 3.69
N LEU B 319 -10.61 -29.88 4.18
CA LEU B 319 -9.41 -30.69 4.27
C LEU B 319 -8.48 -30.63 3.04
N GLN B 320 -9.02 -30.83 1.85
CA GLN B 320 -8.20 -30.79 0.63
C GLN B 320 -7.49 -29.46 0.43
N TYR B 321 -8.02 -28.39 1.01
CA TYR B 321 -7.39 -27.08 0.86
C TYR B 321 -6.49 -26.74 2.05
N LEU B 322 -6.88 -27.19 3.23
CA LEU B 322 -6.13 -26.91 4.44
C LEU B 322 -4.77 -27.60 4.50
N VAL B 323 -4.73 -28.90 4.23
CA VAL B 323 -3.47 -29.64 4.30
C VAL B 323 -2.28 -29.03 3.56
N PRO B 324 -2.38 -28.86 2.23
CA PRO B 324 -1.20 -28.27 1.58
C PRO B 324 -0.73 -26.98 2.25
N ILE B 325 -1.65 -26.23 2.85
CA ILE B 325 -1.30 -24.99 3.54
C ILE B 325 -0.62 -25.30 4.86
N LEU B 326 -1.18 -26.25 5.60
CA LEU B 326 -0.62 -26.65 6.89
C LEU B 326 0.78 -27.27 6.77
N THR B 327 0.94 -28.24 5.87
CA THR B 327 2.25 -28.90 5.69
C THR B 327 3.30 -27.90 5.23
N GLN B 328 2.88 -26.94 4.42
CA GLN B 328 3.81 -25.91 3.95
C GLN B 328 4.23 -25.05 5.15
N THR B 329 3.30 -24.78 6.06
CA THR B 329 3.59 -23.98 7.23
C THR B 329 4.60 -24.65 8.16
N LEU B 330 4.65 -25.99 8.13
CA LEU B 330 5.59 -26.75 8.95
C LEU B 330 7.02 -26.46 8.50
N THR B 331 7.12 -25.75 7.39
CA THR B 331 8.40 -25.38 6.78
C THR B 331 8.93 -24.04 7.32
N LYS B 332 8.04 -23.21 7.85
CA LYS B 332 8.43 -21.91 8.36
C LYS B 332 9.12 -21.96 9.73
N GLN B 333 10.43 -22.16 9.73
CA GLN B 333 11.23 -22.20 10.95
C GLN B 333 12.54 -21.46 10.66
N ASP B 334 12.93 -20.54 11.55
CA ASP B 334 14.18 -19.76 11.41
C ASP B 334 15.30 -20.49 12.14
N GLU B 335 16.49 -19.92 12.06
CA GLU B 335 17.64 -20.46 12.76
C GLU B 335 17.56 -20.04 14.23
N ASN B 336 16.74 -19.04 14.56
CA ASN B 336 16.62 -18.60 15.96
C ASN B 336 15.32 -19.05 16.66
N ASP B 337 14.46 -19.74 15.91
CA ASP B 337 13.22 -20.24 16.46
C ASP B 337 13.52 -21.41 17.39
N ASP B 338 12.75 -21.53 18.48
CA ASP B 338 12.93 -22.65 19.39
C ASP B 338 11.79 -23.65 19.21
N ASP B 339 12.11 -24.91 19.37
CA ASP B 339 11.19 -26.03 19.27
C ASP B 339 9.78 -25.74 19.80
N ASP B 340 9.69 -25.11 20.96
CA ASP B 340 8.39 -24.82 21.54
C ASP B 340 7.85 -23.38 21.46
N ASP B 341 8.39 -22.55 20.59
CA ASP B 341 7.83 -21.21 20.49
C ASP B 341 6.44 -21.47 19.93
N TRP B 342 5.46 -20.67 20.33
CA TRP B 342 4.12 -20.83 19.81
C TRP B 342 4.04 -19.94 18.57
N ASN B 343 4.30 -20.53 17.41
CA ASN B 343 4.27 -19.82 16.13
C ASN B 343 3.46 -20.60 15.07
N PRO B 344 3.26 -20.02 13.87
CA PRO B 344 2.49 -20.73 12.83
C PRO B 344 2.91 -22.19 12.64
N CYS B 345 4.22 -22.43 12.56
CA CYS B 345 4.71 -23.78 12.39
C CYS B 345 4.16 -24.70 13.48
N LYS B 346 4.24 -24.27 14.73
CA LYS B 346 3.73 -25.09 15.82
C LYS B 346 2.21 -25.23 15.77
N ALA B 347 1.51 -24.17 15.39
CA ALA B 347 0.06 -24.21 15.32
C ALA B 347 -0.41 -25.15 14.21
N ALA B 348 0.32 -25.15 13.10
CA ALA B 348 -0.03 -26.01 11.98
C ALA B 348 0.04 -27.47 12.40
N GLY B 349 1.06 -27.81 13.19
CA GLY B 349 1.21 -29.17 13.65
C GLY B 349 0.00 -29.56 14.48
N VAL B 350 -0.39 -28.67 15.38
CA VAL B 350 -1.54 -28.91 16.25
C VAL B 350 -2.82 -29.04 15.43
N CYS B 351 -2.96 -28.24 14.39
CA CYS B 351 -4.14 -28.27 13.55
C CYS B 351 -4.18 -29.57 12.75
N LEU B 352 -3.02 -29.97 12.21
CA LEU B 352 -2.90 -31.20 11.46
C LEU B 352 -3.37 -32.38 12.31
N MET B 353 -2.86 -32.47 13.53
CA MET B 353 -3.24 -33.56 14.41
C MET B 353 -4.74 -33.55 14.74
N LEU B 354 -5.33 -32.36 14.83
CA LEU B 354 -6.76 -32.28 15.11
C LEU B 354 -7.54 -32.76 13.90
N LEU B 355 -6.98 -32.55 12.70
CA LEU B 355 -7.63 -32.99 11.48
C LEU B 355 -7.44 -34.49 11.42
N ALA B 356 -6.30 -34.95 11.92
CA ALA B 356 -5.97 -36.36 11.95
C ALA B 356 -7.02 -37.19 12.68
N THR B 357 -7.44 -36.73 13.85
CA THR B 357 -8.45 -37.45 14.64
C THR B 357 -9.86 -37.08 14.20
N CYS B 358 -9.99 -35.90 13.59
CA CYS B 358 -11.28 -35.39 13.13
C CYS B 358 -11.71 -36.03 11.82
N CYS B 359 -10.75 -36.26 10.94
CA CYS B 359 -11.01 -36.86 9.64
C CYS B 359 -10.05 -38.03 9.51
N GLU B 360 -10.07 -38.87 10.55
CA GLU B 360 -9.24 -40.06 10.71
C GLU B 360 -8.59 -40.75 9.50
N ASP B 361 -9.15 -40.57 8.31
CA ASP B 361 -8.57 -41.24 7.15
C ASP B 361 -8.16 -40.34 6.00
N ASP B 362 -9.09 -39.49 5.59
CA ASP B 362 -8.86 -38.60 4.46
C ASP B 362 -7.56 -37.81 4.54
N ILE B 363 -6.94 -37.73 5.72
CA ILE B 363 -5.68 -36.99 5.86
C ILE B 363 -4.52 -37.71 5.19
N VAL B 364 -4.34 -38.98 5.50
CA VAL B 364 -3.25 -39.76 4.95
C VAL B 364 -3.00 -39.49 3.46
N PRO B 365 -4.04 -39.60 2.64
CA PRO B 365 -3.92 -39.36 1.20
C PRO B 365 -3.44 -37.94 0.87
N HIS B 366 -3.89 -36.98 1.67
CA HIS B 366 -3.52 -35.58 1.47
C HIS B 366 -2.14 -35.19 1.96
N VAL B 367 -1.64 -35.89 2.96
CA VAL B 367 -0.33 -35.58 3.54
C VAL B 367 0.85 -36.36 2.95
N LEU B 368 0.62 -37.63 2.63
CA LEU B 368 1.65 -38.51 2.10
C LEU B 368 2.48 -37.94 0.93
N PRO B 369 1.83 -37.27 -0.03
CA PRO B 369 2.58 -36.71 -1.16
C PRO B 369 3.70 -35.79 -0.72
N PHE B 370 3.39 -34.88 0.20
CA PHE B 370 4.36 -33.93 0.73
C PHE B 370 5.47 -34.65 1.50
N ILE B 371 5.08 -35.67 2.26
CA ILE B 371 6.04 -36.44 3.04
C ILE B 371 7.06 -37.08 2.10
N LYS B 372 6.56 -37.72 1.05
CA LYS B 372 7.44 -38.38 0.09
C LYS B 372 8.29 -37.44 -0.74
N GLU B 373 7.76 -36.26 -1.07
CA GLU B 373 8.51 -35.30 -1.86
C GLU B 373 9.63 -34.58 -1.09
N HIS B 374 9.47 -34.43 0.22
CA HIS B 374 10.48 -33.72 0.99
C HIS B 374 11.22 -34.48 2.08
N ILE B 375 10.88 -35.76 2.26
CA ILE B 375 11.54 -36.56 3.29
C ILE B 375 13.05 -36.64 3.11
N LYS B 376 13.56 -36.18 1.96
CA LYS B 376 14.99 -36.20 1.69
C LYS B 376 15.50 -34.88 1.13
N ASN B 377 14.65 -33.86 1.17
CA ASN B 377 14.98 -32.53 0.68
C ASN B 377 16.24 -31.99 1.34
N PRO B 378 17.14 -31.39 0.56
CA PRO B 378 18.40 -30.81 1.06
C PRO B 378 18.17 -29.75 2.12
N ASP B 379 17.02 -29.08 2.06
CA ASP B 379 16.65 -28.04 3.01
C ASP B 379 16.04 -28.72 4.24
N TRP B 380 16.68 -28.54 5.40
CA TRP B 380 16.19 -29.18 6.62
C TRP B 380 14.78 -28.77 7.00
N ARG B 381 14.40 -27.54 6.69
CA ARG B 381 13.06 -27.07 7.01
C ARG B 381 12.02 -27.99 6.38
N TYR B 382 12.21 -28.29 5.09
CA TYR B 382 11.29 -29.18 4.38
C TYR B 382 11.44 -30.61 4.85
N ARG B 383 12.68 -31.00 5.14
CA ARG B 383 12.96 -32.34 5.61
C ARG B 383 12.25 -32.52 6.95
N ASP B 384 12.42 -31.54 7.84
CA ASP B 384 11.78 -31.57 9.15
C ASP B 384 10.27 -31.59 9.03
N ALA B 385 9.76 -30.75 8.13
CA ALA B 385 8.33 -30.66 7.91
C ALA B 385 7.81 -32.03 7.48
N ALA B 386 8.58 -32.70 6.64
CA ALA B 386 8.20 -34.02 6.15
C ALA B 386 8.04 -35.02 7.30
N VAL B 387 9.02 -35.07 8.19
CA VAL B 387 8.98 -35.99 9.34
C VAL B 387 7.85 -35.67 10.31
N MET B 388 7.71 -34.38 10.63
CA MET B 388 6.67 -33.91 11.53
C MET B 388 5.27 -34.27 11.01
N ALA B 389 5.04 -34.00 9.72
CA ALA B 389 3.75 -34.29 9.11
C ALA B 389 3.43 -35.78 9.26
N PHE B 390 4.43 -36.63 9.01
CA PHE B 390 4.23 -38.07 9.11
C PHE B 390 3.72 -38.45 10.51
N GLY B 391 4.27 -37.80 11.53
CA GLY B 391 3.86 -38.08 12.90
C GLY B 391 2.51 -37.50 13.28
N CYS B 392 2.06 -36.49 12.54
CA CYS B 392 0.77 -35.86 12.81
C CYS B 392 -0.41 -36.68 12.31
N ILE B 393 -0.13 -37.75 11.56
CA ILE B 393 -1.21 -38.58 11.05
C ILE B 393 -1.25 -39.98 11.67
N LEU B 394 -0.47 -40.19 12.71
CA LEU B 394 -0.45 -41.49 13.37
C LEU B 394 -1.53 -41.59 14.45
N GLU B 395 -2.26 -40.51 14.69
CA GLU B 395 -3.33 -40.49 15.69
C GLU B 395 -4.69 -40.28 15.05
N GLY B 396 -5.36 -41.37 14.71
CA GLY B 396 -6.66 -41.27 14.07
C GLY B 396 -6.85 -42.36 13.04
N PRO B 397 -6.05 -42.35 11.96
CA PRO B 397 -6.16 -43.39 10.91
C PRO B 397 -5.99 -44.77 11.51
N GLU B 398 -6.92 -45.67 11.25
CA GLU B 398 -6.81 -47.01 11.80
C GLU B 398 -5.48 -47.63 11.40
N PRO B 399 -4.75 -48.20 12.38
CA PRO B 399 -3.45 -48.84 12.19
C PRO B 399 -3.31 -49.67 10.92
N SER B 400 -4.42 -50.24 10.46
CA SER B 400 -4.42 -51.04 9.24
C SER B 400 -3.89 -50.20 8.10
N GLN B 401 -4.45 -48.99 7.95
CA GLN B 401 -4.00 -48.08 6.92
C GLN B 401 -2.70 -47.43 7.41
N LEU B 402 -2.52 -47.37 8.73
CA LEU B 402 -1.32 -46.76 9.29
C LEU B 402 -0.05 -47.58 9.27
N LYS B 403 -0.01 -48.61 8.44
CA LYS B 403 1.20 -49.44 8.30
C LYS B 403 2.20 -48.89 7.28
N PRO B 404 2.05 -47.64 6.79
CA PRO B 404 3.07 -47.20 5.84
C PRO B 404 4.17 -46.48 6.61
N LEU B 405 4.48 -47.05 7.77
CA LEU B 405 5.52 -46.55 8.66
C LEU B 405 6.55 -47.66 8.68
N VAL B 406 6.05 -48.89 8.72
CA VAL B 406 6.92 -50.06 8.73
C VAL B 406 7.77 -50.11 7.47
N ILE B 407 7.14 -50.50 6.36
CA ILE B 407 7.81 -50.62 5.09
C ILE B 407 8.77 -49.45 4.81
N GLN B 408 8.27 -48.44 4.11
CA GLN B 408 9.07 -47.28 3.73
C GLN B 408 9.57 -46.33 4.81
N ALA B 409 8.66 -45.82 5.63
CA ALA B 409 9.04 -44.86 6.66
C ALA B 409 10.21 -45.26 7.56
N MET B 410 9.96 -46.16 8.51
CA MET B 410 10.96 -46.61 9.46
C MET B 410 12.44 -46.50 9.11
N PRO B 411 12.89 -47.21 8.06
CA PRO B 411 14.32 -47.12 7.72
C PRO B 411 14.81 -45.67 7.60
N THR B 412 14.07 -44.85 6.86
CA THR B 412 14.44 -43.45 6.68
C THR B 412 14.26 -42.67 8.00
N LEU B 413 13.17 -42.93 8.73
CA LEU B 413 12.94 -42.25 10.00
C LEU B 413 14.09 -42.50 10.99
N ILE B 414 14.72 -43.66 10.88
CA ILE B 414 15.84 -44.00 11.75
C ILE B 414 17.08 -43.22 11.33
N GLU B 415 17.31 -43.14 10.02
CA GLU B 415 18.45 -42.41 9.50
C GLU B 415 18.34 -40.93 9.87
N LEU B 416 17.16 -40.35 9.65
CA LEU B 416 16.93 -38.94 9.95
C LEU B 416 17.23 -38.57 11.39
N MET B 417 17.38 -39.56 12.25
CA MET B 417 17.68 -39.32 13.65
C MET B 417 19.16 -38.99 13.83
N LYS B 418 19.92 -39.18 12.75
CA LYS B 418 21.36 -38.91 12.74
C LYS B 418 21.62 -37.76 11.76
N ASP B 419 20.56 -37.01 11.46
CA ASP B 419 20.61 -35.88 10.53
C ASP B 419 21.52 -34.79 11.07
N PRO B 420 22.22 -34.07 10.17
CA PRO B 420 23.13 -32.99 10.58
C PRO B 420 22.38 -31.92 11.38
N SER B 421 21.10 -31.73 11.05
CA SER B 421 20.26 -30.75 11.73
C SER B 421 19.64 -31.30 13.02
N VAL B 422 19.79 -30.55 14.12
CA VAL B 422 19.24 -30.99 15.39
C VAL B 422 17.72 -30.92 15.37
N VAL B 423 17.18 -29.92 14.68
CA VAL B 423 15.74 -29.77 14.60
C VAL B 423 15.18 -31.05 13.97
N VAL B 424 15.72 -31.43 12.81
CA VAL B 424 15.28 -32.65 12.14
C VAL B 424 15.38 -33.87 13.05
N ARG B 425 16.50 -34.01 13.74
CA ARG B 425 16.72 -35.13 14.64
C ARG B 425 15.63 -35.24 15.70
N ASP B 426 15.42 -34.15 16.43
CA ASP B 426 14.43 -34.10 17.49
C ASP B 426 13.03 -34.44 16.99
N THR B 427 12.67 -33.92 15.83
CA THR B 427 11.34 -34.20 15.29
C THR B 427 11.27 -35.68 14.87
N ALA B 428 12.38 -36.22 14.37
CA ALA B 428 12.40 -37.62 13.96
C ALA B 428 12.11 -38.48 15.18
N ALA B 429 12.85 -38.23 16.25
CA ALA B 429 12.68 -38.95 17.50
C ALA B 429 11.23 -38.88 17.95
N TRP B 430 10.67 -37.68 17.91
CA TRP B 430 9.28 -37.46 18.30
C TRP B 430 8.35 -38.39 17.51
N THR B 431 8.53 -38.38 16.20
CA THR B 431 7.72 -39.19 15.31
C THR B 431 7.89 -40.67 15.64
N VAL B 432 9.14 -41.12 15.70
CA VAL B 432 9.45 -42.51 16.03
C VAL B 432 8.81 -42.93 17.34
N GLY B 433 8.91 -42.06 18.34
CA GLY B 433 8.33 -42.35 19.64
C GLY B 433 6.83 -42.58 19.53
N ARG B 434 6.17 -41.77 18.72
CA ARG B 434 4.73 -41.90 18.53
C ARG B 434 4.39 -43.21 17.83
N ILE B 435 5.29 -43.66 16.95
CA ILE B 435 5.08 -44.91 16.24
C ILE B 435 5.03 -46.09 17.23
N CYS B 436 5.88 -46.03 18.27
CA CYS B 436 5.91 -47.10 19.27
C CYS B 436 4.56 -47.24 19.99
N GLU B 437 3.84 -46.13 20.13
CA GLU B 437 2.54 -46.10 20.78
C GLU B 437 1.49 -46.78 19.91
N LEU B 438 1.60 -46.57 18.60
CA LEU B 438 0.66 -47.12 17.62
C LEU B 438 0.95 -48.56 17.19
N LEU B 439 2.22 -48.98 17.26
CA LEU B 439 2.58 -50.33 16.84
C LEU B 439 1.69 -51.46 17.35
N PRO B 440 1.42 -51.53 18.67
CA PRO B 440 0.56 -52.59 19.18
C PRO B 440 -0.81 -52.64 18.48
N GLU B 441 -1.29 -51.48 18.02
CA GLU B 441 -2.56 -51.41 17.30
C GLU B 441 -2.41 -52.31 16.08
N ALA B 442 -1.23 -52.25 15.48
CA ALA B 442 -0.88 -53.06 14.31
C ALA B 442 0.02 -54.18 14.81
N ALA B 443 -0.42 -54.85 15.87
CA ALA B 443 0.30 -55.95 16.53
C ALA B 443 0.90 -56.98 15.57
N ILE B 444 0.32 -57.08 14.38
CA ILE B 444 0.74 -58.02 13.34
C ILE B 444 2.21 -58.47 13.32
N ASN B 445 2.50 -59.56 14.06
CA ASN B 445 3.82 -60.21 14.18
C ASN B 445 4.35 -60.37 15.61
N ASP B 446 3.91 -61.44 16.28
CA ASP B 446 4.33 -61.76 17.66
C ASP B 446 5.86 -61.93 17.61
N VAL B 447 6.52 -61.71 18.74
CA VAL B 447 7.98 -61.83 18.84
C VAL B 447 8.76 -61.10 17.73
N TYR B 448 8.13 -60.05 17.18
CA TYR B 448 8.74 -59.22 16.14
C TYR B 448 8.31 -57.79 16.45
N LEU B 449 7.09 -57.68 16.98
CA LEU B 449 6.52 -56.40 17.38
C LEU B 449 7.23 -56.07 18.69
N ALA B 450 7.49 -57.11 19.49
CA ALA B 450 8.16 -56.96 20.78
C ALA B 450 9.63 -56.57 20.61
N PRO B 451 10.44 -57.45 19.99
CA PRO B 451 11.85 -57.06 19.83
C PRO B 451 12.03 -55.68 19.17
N LEU B 452 11.17 -55.33 18.22
CA LEU B 452 11.26 -54.02 17.56
C LEU B 452 11.15 -52.95 18.63
N LEU B 453 10.06 -53.02 19.40
CA LEU B 453 9.82 -52.07 20.48
C LEU B 453 11.02 -51.99 21.40
N GLN B 454 11.61 -53.15 21.69
CA GLN B 454 12.78 -53.20 22.56
C GLN B 454 13.91 -52.38 21.97
N CYS B 455 14.36 -52.76 20.78
CA CYS B 455 15.44 -52.06 20.10
C CYS B 455 15.07 -50.60 19.95
N LEU B 456 13.92 -50.34 19.32
CA LEU B 456 13.46 -48.96 19.14
C LEU B 456 13.64 -48.15 20.43
N ILE B 457 13.07 -48.65 21.54
CA ILE B 457 13.16 -47.98 22.84
C ILE B 457 14.50 -47.28 23.06
N GLU B 458 15.60 -47.92 22.68
CA GLU B 458 16.88 -47.27 22.81
C GLU B 458 16.92 -46.34 21.62
N GLY B 459 16.28 -45.18 21.78
CA GLY B 459 16.20 -44.20 20.71
C GLY B 459 15.03 -43.27 20.96
N VAL C 9 -10.26 12.56 -48.88
CA VAL C 9 -10.48 11.79 -47.61
C VAL C 9 -10.50 12.78 -46.43
N GLN C 10 -11.16 12.42 -45.32
CA GLN C 10 -11.25 13.35 -44.19
C GLN C 10 -10.69 12.87 -42.84
N PHE C 11 -10.22 13.81 -42.03
CA PHE C 11 -9.63 13.50 -40.72
C PHE C 11 -10.05 14.52 -39.67
N LYS C 12 -10.28 14.03 -38.45
CA LYS C 12 -10.65 14.90 -37.35
C LYS C 12 -9.35 15.49 -36.82
N LEU C 13 -9.25 16.81 -36.81
CA LEU C 13 -8.06 17.50 -36.32
C LEU C 13 -8.51 18.37 -35.17
N VAL C 14 -7.82 18.26 -34.03
CA VAL C 14 -8.20 19.09 -32.90
C VAL C 14 -7.14 20.16 -32.70
N LEU C 15 -7.60 21.41 -32.71
CA LEU C 15 -6.77 22.59 -32.55
C LEU C 15 -6.88 23.07 -31.11
N VAL C 16 -5.75 23.02 -30.39
CA VAL C 16 -5.74 23.42 -29.00
C VAL C 16 -4.59 24.37 -28.68
N GLY C 17 -4.71 25.04 -27.54
CA GLY C 17 -3.70 26.00 -27.12
C GLY C 17 -4.37 27.10 -26.32
N ASP C 18 -3.57 27.85 -25.57
CA ASP C 18 -4.10 28.92 -24.72
C ASP C 18 -5.00 29.93 -25.43
N GLY C 19 -5.82 30.61 -24.64
CA GLY C 19 -6.72 31.60 -25.19
C GLY C 19 -5.94 32.76 -25.78
N GLY C 20 -6.35 33.21 -26.97
CA GLY C 20 -5.67 34.33 -27.60
C GLY C 20 -4.44 34.01 -28.41
N THR C 21 -4.11 32.73 -28.59
CA THR C 21 -2.92 32.36 -29.37
C THR C 21 -3.20 32.49 -30.86
N GLY C 22 -4.45 32.68 -31.23
CA GLY C 22 -4.80 32.85 -32.63
C GLY C 22 -5.33 31.62 -33.35
N LYS C 23 -5.85 30.66 -32.61
CA LYS C 23 -6.38 29.44 -33.23
C LYS C 23 -7.53 29.72 -34.22
N THR C 24 -8.55 30.42 -33.75
CA THR C 24 -9.71 30.77 -34.58
C THR C 24 -9.30 31.64 -35.79
N THR C 25 -8.48 32.66 -35.55
CA THR C 25 -8.01 33.54 -36.62
C THR C 25 -7.30 32.72 -37.69
N PHE C 26 -6.45 31.80 -37.24
CA PHE C 26 -5.70 30.90 -38.11
C PHE C 26 -6.61 30.09 -39.03
N VAL C 27 -7.70 29.56 -38.46
CA VAL C 27 -8.64 28.74 -39.24
C VAL C 27 -9.42 29.58 -40.26
N LYS C 28 -9.93 30.72 -39.82
CA LYS C 28 -10.69 31.60 -40.70
C LYS C 28 -9.84 31.99 -41.90
N ARG C 29 -8.58 32.30 -41.64
CA ARG C 29 -7.66 32.68 -42.70
C ARG C 29 -7.65 31.64 -43.80
N HIS C 30 -7.58 30.36 -43.43
CA HIS C 30 -7.58 29.30 -44.44
C HIS C 30 -8.96 29.13 -45.06
N LEU C 31 -9.98 29.39 -44.25
CA LEU C 31 -11.37 29.25 -44.67
C LEU C 31 -11.80 30.31 -45.68
N THR C 32 -11.73 31.58 -45.26
CA THR C 32 -12.15 32.67 -46.13
C THR C 32 -11.00 33.51 -46.70
N GLY C 33 -9.84 33.42 -46.07
CA GLY C 33 -8.70 34.19 -46.54
C GLY C 33 -8.68 35.54 -45.83
N GLU C 34 -9.68 35.74 -44.97
CA GLU C 34 -9.79 37.00 -44.23
C GLU C 34 -9.01 36.95 -42.93
N PHE C 35 -8.49 38.11 -42.51
CA PHE C 35 -7.75 38.16 -41.26
C PHE C 35 -8.59 38.81 -40.15
N GLU C 36 -9.02 37.99 -39.20
CA GLU C 36 -9.82 38.49 -38.08
C GLU C 36 -8.93 39.31 -37.17
N LYS C 37 -9.25 40.61 -37.05
CA LYS C 37 -8.47 41.52 -36.22
C LYS C 37 -8.96 41.51 -34.76
N LYS C 38 -10.22 41.15 -34.55
CA LYS C 38 -10.76 41.14 -33.20
C LYS C 38 -10.46 39.86 -32.45
N TYR C 39 -10.57 39.92 -31.13
CA TYR C 39 -10.37 38.76 -30.29
C TYR C 39 -11.72 38.47 -29.66
N VAL C 40 -12.39 37.43 -30.16
CA VAL C 40 -13.68 37.03 -29.59
C VAL C 40 -13.52 35.57 -29.21
N ALA C 41 -13.32 35.34 -27.92
CA ALA C 41 -13.12 33.99 -27.40
C ALA C 41 -14.10 32.95 -27.91
N THR C 42 -13.55 31.78 -28.27
CA THR C 42 -14.33 30.65 -28.75
C THR C 42 -15.00 29.98 -27.55
N LEU C 43 -16.25 29.57 -27.71
CA LEU C 43 -16.97 28.92 -26.60
C LEU C 43 -17.05 27.42 -26.81
N GLY C 44 -16.29 26.67 -26.03
CA GLY C 44 -16.30 25.23 -26.16
C GLY C 44 -15.52 24.80 -27.38
N VAL C 45 -16.17 24.82 -28.54
CA VAL C 45 -15.51 24.41 -29.76
C VAL C 45 -16.29 24.90 -30.97
N GLU C 46 -15.60 25.04 -32.07
CA GLU C 46 -16.22 25.48 -33.30
C GLU C 46 -15.64 24.56 -34.38
N VAL C 47 -16.49 23.78 -35.03
CA VAL C 47 -16.06 22.84 -36.04
C VAL C 47 -16.18 23.41 -37.46
N HIS C 48 -15.07 23.40 -38.19
CA HIS C 48 -15.00 23.93 -39.55
C HIS C 48 -14.21 23.00 -40.45
N PRO C 49 -14.80 22.57 -41.59
CA PRO C 49 -14.04 21.69 -42.47
C PRO C 49 -13.16 22.51 -43.41
N LEU C 50 -11.92 22.09 -43.58
CA LEU C 50 -10.97 22.77 -44.46
C LEU C 50 -10.54 21.78 -45.53
N VAL C 51 -10.67 22.17 -46.79
CA VAL C 51 -10.30 21.27 -47.88
C VAL C 51 -9.04 21.74 -48.58
N PHE C 52 -8.14 20.81 -48.84
CA PHE C 52 -6.90 21.12 -49.52
C PHE C 52 -6.76 20.25 -50.75
N HIS C 53 -6.42 20.86 -51.87
CA HIS C 53 -6.25 20.10 -53.09
C HIS C 53 -4.81 19.65 -53.18
N THR C 54 -4.62 18.35 -53.42
CA THR C 54 -3.29 17.80 -53.50
C THR C 54 -3.05 16.97 -54.75
N ASN C 55 -1.78 16.68 -55.03
CA ASN C 55 -1.40 15.90 -56.21
C ASN C 55 -1.91 14.46 -56.10
N ARG C 56 -2.74 14.21 -55.09
CA ARG C 56 -3.29 12.88 -54.90
C ARG C 56 -4.76 12.95 -54.49
N GLY C 57 -5.43 14.01 -54.94
CA GLY C 57 -6.83 14.20 -54.61
C GLY C 57 -7.03 15.11 -53.43
N PRO C 58 -8.24 15.66 -53.26
CA PRO C 58 -8.52 16.57 -52.15
C PRO C 58 -8.53 15.86 -50.79
N ILE C 59 -8.02 16.55 -49.78
CA ILE C 59 -7.99 16.01 -48.42
C ILE C 59 -8.75 16.98 -47.55
N LYS C 60 -9.68 16.46 -46.75
CA LYS C 60 -10.48 17.31 -45.89
C LYS C 60 -10.13 17.14 -44.43
N PHE C 61 -9.90 18.28 -43.77
CA PHE C 61 -9.59 18.30 -42.35
C PHE C 61 -10.78 18.88 -41.61
N ASN C 62 -11.41 18.09 -40.76
CA ASN C 62 -12.51 18.63 -39.98
C ASN C 62 -11.83 19.20 -38.75
N VAL C 63 -11.69 20.52 -38.76
CA VAL C 63 -11.02 21.23 -37.67
C VAL C 63 -11.92 21.59 -36.48
N TRP C 64 -11.59 21.00 -35.33
CA TRP C 64 -12.30 21.26 -34.09
C TRP C 64 -11.47 22.32 -33.40
N ASP C 65 -11.88 23.58 -33.59
CA ASP C 65 -11.23 24.75 -33.03
C ASP C 65 -11.73 24.92 -31.59
N THR C 66 -10.96 24.42 -30.63
CA THR C 66 -11.34 24.48 -29.22
C THR C 66 -11.02 25.78 -28.51
N ALA C 67 -11.68 25.99 -27.38
CA ALA C 67 -11.49 27.18 -26.56
C ALA C 67 -10.24 27.07 -25.69
N GLY C 68 -9.47 28.16 -25.68
CA GLY C 68 -8.26 28.18 -24.87
C GLY C 68 -8.53 28.71 -23.48
N GLN C 69 -9.58 29.51 -23.33
CA GLN C 69 -9.94 30.08 -22.04
C GLN C 69 -10.52 29.01 -21.10
N GLU C 70 -9.91 28.85 -19.93
CA GLU C 70 -10.35 27.86 -18.97
C GLU C 70 -11.88 27.86 -18.75
N LYS C 71 -12.45 29.06 -18.61
CA LYS C 71 -13.88 29.21 -18.36
C LYS C 71 -14.79 28.82 -19.50
N PHE C 72 -14.30 28.97 -20.73
CA PHE C 72 -15.11 28.60 -21.90
C PHE C 72 -14.74 27.23 -22.48
N GLY C 73 -14.09 26.39 -21.67
CA GLY C 73 -13.67 25.07 -22.14
C GLY C 73 -14.74 24.14 -22.70
N GLY C 74 -15.95 24.21 -22.17
CA GLY C 74 -16.99 23.33 -22.65
C GLY C 74 -16.66 21.89 -22.28
N LEU C 75 -16.71 21.00 -23.25
CA LEU C 75 -16.40 19.59 -23.01
C LEU C 75 -14.90 19.41 -22.86
N ARG C 76 -14.15 20.40 -23.33
CA ARG C 76 -12.69 20.39 -23.26
C ARG C 76 -12.17 19.08 -23.85
N ASP C 77 -11.61 18.27 -22.96
CA ASP C 77 -11.06 16.96 -23.28
C ASP C 77 -11.96 16.10 -24.16
N GLY C 78 -13.26 16.17 -23.87
CA GLY C 78 -14.24 15.41 -24.61
C GLY C 78 -14.20 15.64 -26.10
N TYR C 79 -13.64 16.77 -26.52
CA TYR C 79 -13.58 17.07 -27.95
C TYR C 79 -12.52 16.27 -28.67
N TYR C 80 -11.61 15.65 -27.91
CA TYR C 80 -10.51 14.86 -28.50
C TYR C 80 -10.87 13.45 -28.92
N ILE C 81 -12.04 12.97 -28.52
CA ILE C 81 -12.48 11.62 -28.88
C ILE C 81 -12.43 11.33 -30.37
N GLN C 82 -11.60 10.35 -30.74
CA GLN C 82 -11.40 9.91 -32.12
C GLN C 82 -10.70 10.92 -33.02
N ALA C 83 -9.94 11.83 -32.41
CA ALA C 83 -9.18 12.80 -33.18
C ALA C 83 -8.12 11.98 -33.88
N GLN C 84 -7.75 12.36 -35.09
CA GLN C 84 -6.74 11.60 -35.82
C GLN C 84 -5.44 12.39 -35.97
N CYS C 85 -5.46 13.64 -35.53
CA CYS C 85 -4.28 14.51 -35.58
C CYS C 85 -4.58 15.77 -34.78
N ALA C 86 -3.54 16.54 -34.48
CA ALA C 86 -3.72 17.77 -33.72
C ALA C 86 -2.65 18.82 -33.97
N ILE C 87 -3.02 20.06 -33.67
CA ILE C 87 -2.12 21.19 -33.78
C ILE C 87 -2.14 21.87 -32.42
N ILE C 88 -0.96 22.06 -31.82
CA ILE C 88 -0.88 22.74 -30.54
C ILE C 88 -0.35 24.14 -30.82
N MET C 89 -1.13 25.13 -30.41
CA MET C 89 -0.79 26.53 -30.66
C MET C 89 -0.36 27.32 -29.43
N PHE C 90 0.67 28.13 -29.58
CA PHE C 90 1.10 29.00 -28.50
C PHE C 90 1.40 30.36 -29.15
N ASP C 91 1.50 31.40 -28.36
CA ASP C 91 1.73 32.75 -28.86
C ASP C 91 3.18 33.16 -28.66
N VAL C 92 3.91 33.40 -29.75
CA VAL C 92 5.31 33.79 -29.60
C VAL C 92 5.49 35.12 -28.87
N THR C 93 4.42 35.89 -28.70
CA THR C 93 4.51 37.16 -28.00
C THR C 93 4.09 37.00 -26.54
N SER C 94 3.78 35.77 -26.16
CA SER C 94 3.35 35.50 -24.79
C SER C 94 4.04 34.24 -24.28
N ARG C 95 5.00 34.42 -23.38
CA ARG C 95 5.78 33.33 -22.83
C ARG C 95 4.96 32.28 -22.09
N VAL C 96 3.90 32.70 -21.42
CA VAL C 96 3.08 31.76 -20.68
C VAL C 96 2.33 30.77 -21.59
N THR C 97 2.07 31.16 -22.83
CA THR C 97 1.35 30.25 -23.71
C THR C 97 2.25 29.12 -24.19
N TYR C 98 3.56 29.35 -24.15
CA TYR C 98 4.51 28.31 -24.54
C TYR C 98 4.72 27.41 -23.34
N LYS C 99 4.66 28.00 -22.15
CA LYS C 99 4.85 27.25 -20.91
C LYS C 99 3.72 26.24 -20.70
N ASN C 100 2.53 26.58 -21.16
CA ASN C 100 1.39 25.69 -21.02
C ASN C 100 1.33 24.60 -22.08
N VAL C 101 2.23 24.67 -23.07
CA VAL C 101 2.27 23.68 -24.13
C VAL C 101 2.32 22.23 -23.62
N PRO C 102 3.20 21.93 -22.65
CA PRO C 102 3.29 20.55 -22.13
C PRO C 102 1.94 20.04 -21.62
N ASN C 103 1.17 20.92 -21.00
CA ASN C 103 -0.15 20.55 -20.47
C ASN C 103 -1.15 20.22 -21.57
N TRP C 104 -1.09 20.95 -22.68
CA TRP C 104 -1.99 20.67 -23.77
C TRP C 104 -1.59 19.33 -24.38
N HIS C 105 -0.28 19.11 -24.49
CA HIS C 105 0.22 17.87 -25.05
C HIS C 105 -0.18 16.66 -24.18
N ARG C 106 -0.12 16.82 -22.87
CA ARG C 106 -0.51 15.76 -21.96
C ARG C 106 -1.99 15.41 -22.11
N ASP C 107 -2.82 16.44 -22.25
CA ASP C 107 -4.26 16.25 -22.41
C ASP C 107 -4.53 15.45 -23.67
N LEU C 108 -3.82 15.77 -24.75
CA LEU C 108 -3.98 15.07 -26.02
C LEU C 108 -3.62 13.58 -25.96
N VAL C 109 -2.44 13.27 -25.40
CA VAL C 109 -2.01 11.86 -25.34
C VAL C 109 -2.74 11.00 -24.32
N ARG C 110 -3.44 11.60 -23.38
CA ARG C 110 -4.18 10.79 -22.41
C ARG C 110 -5.54 10.36 -23.02
N VAL C 111 -5.83 10.86 -24.21
CA VAL C 111 -7.06 10.50 -24.92
C VAL C 111 -6.77 9.91 -26.28
N CYS C 112 -5.76 10.42 -26.98
CA CYS C 112 -5.43 9.94 -28.33
C CYS C 112 -4.12 9.16 -28.36
N GLU C 113 -4.21 7.91 -28.83
CA GLU C 113 -3.05 7.02 -28.86
C GLU C 113 -1.76 7.44 -29.54
N ASN C 114 -1.74 7.39 -30.86
CA ASN C 114 -0.49 7.68 -31.56
C ASN C 114 -0.78 8.57 -32.76
N ILE C 115 -1.38 9.73 -32.52
CA ILE C 115 -1.69 10.64 -33.60
C ILE C 115 -0.59 11.63 -33.92
N PRO C 116 -0.53 12.08 -35.18
CA PRO C 116 0.52 13.06 -35.52
C PRO C 116 0.10 14.39 -34.90
N ILE C 117 1.03 15.04 -34.21
CA ILE C 117 0.79 16.32 -33.56
C ILE C 117 1.82 17.35 -34.02
N VAL C 118 1.35 18.51 -34.48
CA VAL C 118 2.23 19.59 -34.92
C VAL C 118 2.16 20.73 -33.91
N LEU C 119 3.32 21.26 -33.52
CA LEU C 119 3.41 22.36 -32.56
C LEU C 119 3.62 23.63 -33.39
N CYS C 120 2.79 24.64 -33.14
CA CYS C 120 2.88 25.89 -33.88
C CYS C 120 3.06 27.14 -33.02
N GLY C 121 4.09 27.92 -33.36
CA GLY C 121 4.36 29.16 -32.65
C GLY C 121 3.77 30.26 -33.51
N ASN C 122 2.70 30.88 -33.04
CA ASN C 122 2.04 31.93 -33.83
C ASN C 122 2.39 33.38 -33.52
N LYS C 123 2.08 34.25 -34.48
CA LYS C 123 2.33 35.68 -34.37
C LYS C 123 3.80 36.04 -34.50
N VAL C 124 4.52 35.38 -35.41
CA VAL C 124 5.94 35.68 -35.59
C VAL C 124 6.13 36.98 -36.37
N ASP C 125 5.02 37.54 -36.83
CA ASP C 125 5.05 38.81 -37.57
C ASP C 125 5.35 39.93 -36.58
N ILE C 126 4.91 39.75 -35.34
CA ILE C 126 5.14 40.76 -34.31
C ILE C 126 6.61 41.07 -34.12
N LYS C 127 6.91 42.37 -34.04
CA LYS C 127 8.28 42.86 -33.88
C LYS C 127 9.13 42.04 -32.91
N ASP C 128 8.98 42.31 -31.63
CA ASP C 128 9.77 41.56 -30.64
C ASP C 128 9.05 40.33 -30.12
N ARG C 129 9.66 39.18 -30.35
CA ARG C 129 9.14 37.90 -29.89
C ARG C 129 9.54 37.73 -28.44
N LYS C 130 8.59 37.33 -27.60
CA LYS C 130 8.91 37.09 -26.20
C LYS C 130 9.47 35.67 -26.06
N VAL C 131 9.04 34.79 -26.95
CA VAL C 131 9.50 33.40 -26.97
C VAL C 131 10.35 33.20 -28.23
N LYS C 132 11.67 33.35 -28.08
CA LYS C 132 12.57 33.21 -29.22
C LYS C 132 12.88 31.76 -29.57
N ALA C 133 13.24 31.55 -30.83
CA ALA C 133 13.57 30.23 -31.37
C ALA C 133 14.37 29.32 -30.44
N LYS C 134 15.44 29.86 -29.85
CA LYS C 134 16.29 29.08 -28.96
C LYS C 134 15.54 28.49 -27.76
N SER C 135 14.49 29.18 -27.31
CA SER C 135 13.70 28.72 -26.15
C SER C 135 12.72 27.60 -26.46
N ILE C 136 12.35 27.47 -27.72
CA ILE C 136 11.38 26.46 -28.15
C ILE C 136 12.09 25.11 -28.25
N VAL C 137 11.82 24.24 -27.29
CA VAL C 137 12.47 22.93 -27.25
C VAL C 137 11.53 21.75 -27.06
N PHE C 138 10.26 22.02 -26.77
CA PHE C 138 9.32 20.93 -26.53
C PHE C 138 9.23 19.93 -27.68
N HIS C 139 9.31 20.40 -28.91
CA HIS C 139 9.23 19.50 -30.05
C HIS C 139 10.39 18.49 -30.04
N ARG C 140 11.56 18.90 -29.57
CA ARG C 140 12.71 17.99 -29.55
C ARG C 140 12.44 16.89 -28.51
N LYS C 141 11.82 17.27 -27.40
CA LYS C 141 11.53 16.33 -26.32
C LYS C 141 10.58 15.21 -26.72
N LYS C 142 9.54 15.56 -27.47
CA LYS C 142 8.54 14.59 -27.87
C LYS C 142 8.51 14.21 -29.35
N ASN C 143 9.56 14.53 -30.08
CA ASN C 143 9.62 14.21 -31.52
C ASN C 143 8.43 14.76 -32.29
N LEU C 144 8.13 16.04 -32.10
CA LEU C 144 7.02 16.65 -32.82
C LEU C 144 7.58 17.49 -33.94
N GLN C 145 6.72 17.86 -34.88
CA GLN C 145 7.12 18.74 -35.97
C GLN C 145 6.83 20.12 -35.43
N TYR C 146 7.67 21.10 -35.76
CA TYR C 146 7.44 22.47 -35.29
C TYR C 146 7.46 23.45 -36.45
N TYR C 147 6.74 24.55 -36.29
CA TYR C 147 6.68 25.59 -37.33
C TYR C 147 6.46 26.97 -36.75
N ASP C 148 7.25 27.93 -37.22
CA ASP C 148 7.04 29.32 -36.80
C ASP C 148 5.82 29.63 -37.69
N ILE C 149 4.80 30.31 -37.18
CA ILE C 149 3.61 30.58 -38.00
C ILE C 149 3.11 31.99 -37.78
N SER C 150 2.32 32.44 -38.74
CA SER C 150 1.68 33.76 -38.68
C SER C 150 0.38 33.79 -39.47
N ALA C 151 -0.73 33.86 -38.74
CA ALA C 151 -2.04 33.92 -39.38
C ALA C 151 -2.23 35.26 -40.09
N LYS C 152 -1.47 36.26 -39.66
CA LYS C 152 -1.59 37.58 -40.25
C LYS C 152 -0.82 37.71 -41.57
N SER C 153 0.45 37.29 -41.57
CA SER C 153 1.26 37.39 -42.78
C SER C 153 1.21 36.15 -43.65
N ASN C 154 0.51 35.10 -43.18
CA ASN C 154 0.40 33.84 -43.92
C ASN C 154 1.74 33.09 -44.00
N TYR C 155 2.71 33.55 -43.22
CA TYR C 155 4.02 32.90 -43.21
C TYR C 155 3.88 31.42 -42.79
N ASN C 156 4.24 30.50 -43.69
CA ASN C 156 4.14 29.08 -43.38
C ASN C 156 2.74 28.63 -42.98
N PHE C 157 1.71 29.40 -43.32
CA PHE C 157 0.37 29.04 -42.88
C PHE C 157 -0.21 27.72 -43.37
N GLU C 158 0.36 27.14 -44.42
CA GLU C 158 -0.14 25.85 -44.89
C GLU C 158 0.70 24.69 -44.35
N LYS C 159 1.93 24.98 -43.95
CA LYS C 159 2.86 23.97 -43.44
C LYS C 159 2.26 22.93 -42.48
N PRO C 160 1.58 23.40 -41.42
CA PRO C 160 0.99 22.45 -40.47
C PRO C 160 0.11 21.40 -41.15
N PHE C 161 -0.78 21.85 -42.02
CA PHE C 161 -1.69 20.95 -42.71
C PHE C 161 -0.99 20.05 -43.73
N LEU C 162 0.04 20.58 -44.38
CA LEU C 162 0.79 19.79 -45.35
C LEU C 162 1.50 18.63 -44.65
N TRP C 163 2.14 18.93 -43.53
CA TRP C 163 2.86 17.90 -42.78
C TRP C 163 1.88 16.83 -42.28
N LEU C 164 0.76 17.27 -41.71
CA LEU C 164 -0.23 16.31 -41.21
C LEU C 164 -0.76 15.44 -42.34
N ALA C 165 -1.09 16.06 -43.46
CA ALA C 165 -1.62 15.33 -44.61
C ALA C 165 -0.63 14.28 -45.07
N ARG C 166 0.64 14.65 -45.18
CA ARG C 166 1.66 13.69 -45.60
C ARG C 166 1.74 12.57 -44.59
N LYS C 167 1.55 12.92 -43.32
CA LYS C 167 1.61 11.94 -42.23
C LYS C 167 0.40 10.98 -42.32
N LEU C 168 -0.81 11.53 -42.42
CA LEU C 168 -2.02 10.69 -42.49
C LEU C 168 -2.11 9.83 -43.76
N ILE C 169 -1.80 10.41 -44.91
CA ILE C 169 -1.87 9.71 -46.19
C ILE C 169 -0.73 8.69 -46.35
N GLY C 170 0.40 8.94 -45.68
CA GLY C 170 1.52 8.03 -45.78
C GLY C 170 2.36 8.25 -47.03
N ASP C 171 2.33 9.46 -47.56
CA ASP C 171 3.07 9.79 -48.77
C ASP C 171 3.87 11.07 -48.57
N PRO C 172 5.19 10.94 -48.45
CA PRO C 172 6.06 12.11 -48.25
C PRO C 172 6.08 13.00 -49.48
N ASN C 173 5.59 12.50 -50.61
CA ASN C 173 5.59 13.27 -51.84
C ASN C 173 4.33 14.09 -52.06
N LEU C 174 3.38 14.01 -51.13
CA LEU C 174 2.14 14.77 -51.27
C LEU C 174 2.46 16.27 -51.34
N GLU C 175 1.81 16.97 -52.27
CA GLU C 175 2.00 18.40 -52.45
C GLU C 175 0.62 19.07 -52.48
N PHE C 176 0.58 20.35 -52.14
CA PHE C 176 -0.69 21.07 -52.17
C PHE C 176 -0.79 21.82 -53.51
N VAL C 177 -1.90 21.90 -54.06
N GLU D 2 -31.19 8.26 -20.54
CA GLU D 2 -30.61 8.77 -21.81
C GLU D 2 -29.24 9.42 -21.64
N LEU D 3 -28.56 9.12 -20.54
CA LEU D 3 -27.25 9.70 -20.30
C LEU D 3 -26.30 9.22 -21.41
N ILE D 4 -26.34 7.93 -21.69
CA ILE D 4 -25.47 7.38 -22.72
C ILE D 4 -25.72 8.01 -24.08
N THR D 5 -26.97 8.39 -24.33
CA THR D 5 -27.33 9.00 -25.60
C THR D 5 -26.63 10.34 -25.78
N ILE D 6 -26.66 11.19 -24.75
CA ILE D 6 -26.02 12.49 -24.87
C ILE D 6 -24.50 12.36 -24.86
N LEU D 7 -23.95 11.42 -24.10
CA LEU D 7 -22.50 11.22 -24.10
C LEU D 7 -22.12 10.81 -25.53
N GLU D 8 -23.01 10.10 -26.20
CA GLU D 8 -22.73 9.65 -27.56
C GLU D 8 -22.68 10.82 -28.53
N LYS D 9 -23.39 11.90 -28.20
CA LYS D 9 -23.43 13.09 -29.06
C LYS D 9 -22.15 13.91 -29.00
N THR D 10 -21.32 13.72 -27.97
CA THR D 10 -20.10 14.49 -27.83
C THR D 10 -19.08 14.32 -28.96
N VAL D 11 -19.30 13.33 -29.84
CA VAL D 11 -18.39 13.09 -30.96
C VAL D 11 -19.06 13.53 -32.27
N SER D 12 -20.12 14.32 -32.16
CA SER D 12 -20.84 14.80 -33.35
C SER D 12 -20.24 16.10 -33.91
N PRO D 13 -20.05 16.14 -35.24
CA PRO D 13 -19.49 17.32 -35.88
C PRO D 13 -20.54 18.43 -36.06
N ASP D 14 -21.73 18.21 -35.51
CA ASP D 14 -22.83 19.17 -35.60
C ASP D 14 -22.95 19.97 -34.30
N ARG D 15 -22.63 21.26 -34.39
CA ARG D 15 -22.64 22.17 -33.25
C ARG D 15 -23.89 22.07 -32.39
N LEU D 16 -25.05 21.95 -33.04
CA LEU D 16 -26.32 21.86 -32.33
C LEU D 16 -26.33 20.63 -31.42
N GLU D 17 -25.74 19.53 -31.88
CA GLU D 17 -25.68 18.30 -31.08
C GLU D 17 -24.72 18.43 -29.92
N LEU D 18 -23.55 19.02 -30.18
CA LEU D 18 -22.54 19.22 -29.14
C LEU D 18 -23.03 20.18 -28.07
N GLU D 19 -23.68 21.27 -28.49
CA GLU D 19 -24.20 22.24 -27.54
C GLU D 19 -25.29 21.62 -26.69
N ALA D 20 -26.14 20.82 -27.33
CA ALA D 20 -27.21 20.17 -26.60
C ALA D 20 -26.60 19.22 -25.58
N ALA D 21 -25.57 18.50 -25.99
CA ALA D 21 -24.90 17.56 -25.11
C ALA D 21 -24.22 18.30 -23.95
N GLN D 22 -23.48 19.34 -24.29
CA GLN D 22 -22.80 20.14 -23.28
C GLN D 22 -23.79 20.74 -22.29
N LYS D 23 -24.87 21.35 -22.79
CA LYS D 23 -25.85 21.96 -21.89
C LYS D 23 -26.42 20.90 -20.96
N PHE D 24 -26.73 19.73 -21.51
CA PHE D 24 -27.28 18.65 -20.70
C PHE D 24 -26.30 18.22 -19.61
N LEU D 25 -25.02 18.06 -19.97
CA LEU D 25 -24.01 17.65 -19.00
C LEU D 25 -23.79 18.68 -17.90
N GLU D 26 -23.68 19.95 -18.27
CA GLU D 26 -23.48 21.02 -17.29
C GLU D 26 -24.64 21.08 -16.31
N ARG D 27 -25.87 20.94 -16.83
CA ARG D 27 -27.05 20.98 -15.98
C ARG D 27 -27.06 19.86 -14.95
N ALA D 28 -26.79 18.64 -15.41
CA ALA D 28 -26.78 17.47 -14.54
C ALA D 28 -25.76 17.67 -13.42
N ALA D 29 -24.63 18.27 -13.75
CA ALA D 29 -23.58 18.52 -12.78
C ALA D 29 -24.07 19.51 -11.71
N VAL D 30 -24.79 20.54 -12.15
CA VAL D 30 -25.32 21.54 -11.22
C VAL D 30 -26.48 20.95 -10.41
N GLU D 31 -27.37 20.25 -11.11
CA GLU D 31 -28.54 19.63 -10.47
C GLU D 31 -28.19 18.68 -9.33
N ASN D 32 -27.29 17.74 -9.59
CA ASN D 32 -26.90 16.76 -8.57
C ASN D 32 -25.54 16.13 -8.90
N LEU D 33 -24.44 16.76 -8.46
CA LEU D 33 -23.10 16.25 -8.75
C LEU D 33 -22.85 14.81 -8.30
N PRO D 34 -23.25 14.46 -7.06
CA PRO D 34 -23.02 13.09 -6.59
C PRO D 34 -23.66 12.00 -7.45
N THR D 35 -24.94 12.17 -7.80
CA THR D 35 -25.64 11.17 -8.60
C THR D 35 -25.11 11.16 -10.03
N PHE D 36 -24.73 12.33 -10.53
CA PHE D 36 -24.21 12.45 -11.88
C PHE D 36 -22.90 11.66 -12.00
N LEU D 37 -21.99 11.87 -11.05
CA LEU D 37 -20.70 11.20 -11.05
C LEU D 37 -20.82 9.70 -10.80
N VAL D 38 -21.80 9.30 -10.00
CA VAL D 38 -21.98 7.87 -9.73
C VAL D 38 -22.50 7.21 -10.99
N GLU D 39 -23.48 7.83 -11.64
CA GLU D 39 -24.03 7.26 -12.85
C GLU D 39 -22.98 7.26 -13.97
N LEU D 40 -22.26 8.37 -14.12
CA LEU D 40 -21.23 8.44 -15.16
C LEU D 40 -20.22 7.30 -14.94
N SER D 41 -19.85 7.06 -13.69
CA SER D 41 -18.89 6.01 -13.40
C SER D 41 -19.46 4.63 -13.75
N ARG D 42 -20.77 4.50 -13.70
CA ARG D 42 -21.40 3.22 -14.05
C ARG D 42 -21.37 3.01 -15.55
N VAL D 43 -21.61 4.08 -16.31
CA VAL D 43 -21.53 3.96 -17.75
C VAL D 43 -20.09 3.58 -18.12
N LEU D 44 -19.14 4.20 -17.44
CA LEU D 44 -17.71 3.95 -17.67
C LEU D 44 -17.37 2.49 -17.40
N ALA D 45 -17.84 1.98 -16.27
CA ALA D 45 -17.56 0.61 -15.87
C ALA D 45 -18.19 -0.50 -16.70
N ASN D 46 -19.26 -0.20 -17.42
CA ASN D 46 -19.93 -1.21 -18.22
C ASN D 46 -19.28 -1.49 -19.57
N PRO D 47 -18.63 -2.66 -19.71
CA PRO D 47 -17.97 -3.02 -20.98
C PRO D 47 -19.00 -3.26 -22.08
N GLY D 48 -20.29 -3.15 -21.73
CA GLY D 48 -21.33 -3.32 -22.73
C GLY D 48 -21.60 -2.03 -23.47
N ASN D 49 -21.04 -0.92 -22.98
CA ASN D 49 -21.21 0.40 -23.63
C ASN D 49 -20.16 0.66 -24.73
N SER D 50 -20.37 1.63 -25.63
CA SER D 50 -19.40 1.93 -26.69
C SER D 50 -18.19 2.68 -26.14
N GLN D 51 -17.08 2.65 -26.87
CA GLN D 51 -15.88 3.36 -26.43
C GLN D 51 -16.17 4.87 -26.26
N VAL D 52 -16.88 5.46 -27.20
CA VAL D 52 -17.21 6.88 -27.10
C VAL D 52 -17.91 7.14 -25.77
N ALA D 53 -18.96 6.39 -25.48
CA ALA D 53 -19.73 6.57 -24.25
C ALA D 53 -18.89 6.42 -22.99
N ARG D 54 -18.05 5.40 -22.95
CA ARG D 54 -17.19 5.16 -21.78
C ARG D 54 -16.11 6.23 -21.60
N VAL D 55 -15.43 6.60 -22.67
CA VAL D 55 -14.41 7.62 -22.56
C VAL D 55 -15.02 8.97 -22.19
N ALA D 56 -16.12 9.34 -22.85
CA ALA D 56 -16.79 10.61 -22.55
C ALA D 56 -17.22 10.67 -21.07
N ALA D 57 -17.72 9.55 -20.55
CA ALA D 57 -18.14 9.50 -19.16
C ALA D 57 -16.93 9.68 -18.26
N GLY D 58 -15.85 8.99 -18.59
CA GLY D 58 -14.65 9.09 -17.79
C GLY D 58 -14.08 10.50 -17.77
N LEU D 59 -14.09 11.17 -18.92
CA LEU D 59 -13.56 12.53 -18.97
C LEU D 59 -14.46 13.51 -18.21
N GLN D 60 -15.77 13.23 -18.19
CA GLN D 60 -16.70 14.09 -17.47
C GLN D 60 -16.36 14.01 -15.98
N ILE D 61 -16.11 12.79 -15.50
CA ILE D 61 -15.75 12.57 -14.10
C ILE D 61 -14.41 13.23 -13.79
N LYS D 62 -13.43 12.97 -14.65
CA LYS D 62 -12.10 13.53 -14.47
C LYS D 62 -12.11 15.05 -14.46
N ASN D 63 -12.86 15.64 -15.38
CA ASN D 63 -12.91 17.09 -15.45
C ASN D 63 -13.72 17.74 -14.35
N SER D 64 -14.28 16.93 -13.46
CA SER D 64 -15.05 17.44 -12.33
C SER D 64 -14.12 17.47 -11.12
N LEU D 65 -12.98 16.81 -11.25
CA LEU D 65 -12.00 16.72 -10.17
C LEU D 65 -10.71 17.49 -10.38
N THR D 66 -10.53 18.12 -11.54
CA THR D 66 -9.31 18.86 -11.80
C THR D 66 -9.54 20.01 -12.74
N SER D 67 -8.50 20.80 -12.95
CA SER D 67 -8.56 21.96 -13.81
C SER D 67 -7.13 22.45 -14.05
N LYS D 68 -6.91 23.13 -15.17
CA LYS D 68 -5.59 23.67 -15.48
C LYS D 68 -5.31 24.82 -14.52
N ASP D 69 -6.39 25.34 -13.94
CA ASP D 69 -6.30 26.43 -12.97
C ASP D 69 -6.18 25.84 -11.57
N PRO D 70 -5.04 26.07 -10.90
CA PRO D 70 -4.78 25.57 -9.55
C PRO D 70 -5.80 25.92 -8.47
N ASP D 71 -6.52 27.03 -8.64
CA ASP D 71 -7.52 27.42 -7.64
C ASP D 71 -8.81 26.66 -7.90
N ILE D 72 -9.21 26.59 -9.17
CA ILE D 72 -10.41 25.85 -9.55
C ILE D 72 -10.20 24.39 -9.13
N LYS D 73 -9.01 23.86 -9.40
CA LYS D 73 -8.70 22.48 -9.05
C LYS D 73 -8.86 22.26 -7.55
N ALA D 74 -8.28 23.15 -6.75
CA ALA D 74 -8.38 23.04 -5.30
C ALA D 74 -9.85 23.02 -4.87
N GLN D 75 -10.68 23.83 -5.52
CA GLN D 75 -12.10 23.89 -5.22
C GLN D 75 -12.79 22.59 -5.64
N TYR D 76 -12.43 22.07 -6.81
CA TYR D 76 -13.04 20.83 -7.30
C TYR D 76 -12.68 19.68 -6.39
N GLN D 77 -11.43 19.66 -5.91
CA GLN D 77 -11.01 18.59 -5.01
C GLN D 77 -11.76 18.71 -3.70
N GLN D 78 -12.01 19.95 -3.27
CA GLN D 78 -12.76 20.17 -2.04
C GLN D 78 -14.22 19.75 -2.24
N ARG D 79 -14.76 20.11 -3.40
CA ARG D 79 -16.14 19.77 -3.73
C ARG D 79 -16.34 18.27 -3.69
N TRP D 80 -15.34 17.54 -4.16
CA TRP D 80 -15.40 16.08 -4.18
C TRP D 80 -15.34 15.53 -2.76
N LEU D 81 -14.38 16.01 -1.98
CA LEU D 81 -14.22 15.55 -0.61
C LEU D 81 -15.46 15.82 0.25
N ALA D 82 -16.23 16.82 -0.13
CA ALA D 82 -17.44 17.18 0.61
C ALA D 82 -18.59 16.26 0.24
N ILE D 83 -18.41 15.46 -0.81
CA ILE D 83 -19.45 14.53 -1.23
C ILE D 83 -19.61 13.41 -0.21
N ASP D 84 -20.83 12.90 -0.08
CA ASP D 84 -21.11 11.81 0.82
C ASP D 84 -20.09 10.70 0.58
N ALA D 85 -19.33 10.35 1.62
CA ALA D 85 -18.31 9.31 1.51
C ALA D 85 -18.81 8.01 0.89
N ASN D 86 -20.11 7.74 0.99
CA ASN D 86 -20.66 6.51 0.43
C ASN D 86 -20.83 6.59 -1.08
N ALA D 87 -21.24 7.75 -1.57
CA ALA D 87 -21.41 7.95 -3.01
C ALA D 87 -20.00 7.93 -3.63
N ARG D 88 -19.07 8.62 -3.00
CA ARG D 88 -17.69 8.64 -3.49
C ARG D 88 -17.15 7.21 -3.53
N ARG D 89 -17.48 6.43 -2.52
CA ARG D 89 -17.02 5.05 -2.48
C ARG D 89 -17.60 4.31 -3.68
N GLU D 90 -18.80 4.73 -4.10
CA GLU D 90 -19.46 4.13 -5.25
C GLU D 90 -18.70 4.47 -6.52
N VAL D 91 -18.38 5.75 -6.68
CA VAL D 91 -17.64 6.20 -7.86
C VAL D 91 -16.27 5.50 -7.87
N LYS D 92 -15.60 5.49 -6.73
CA LYS D 92 -14.30 4.87 -6.65
C LYS D 92 -14.33 3.38 -6.99
N ASN D 93 -15.34 2.68 -6.50
CA ASN D 93 -15.45 1.26 -6.79
C ASN D 93 -15.63 1.02 -8.30
N TYR D 94 -16.64 1.64 -8.89
CA TYR D 94 -16.89 1.47 -10.31
C TYR D 94 -15.67 1.84 -11.16
N VAL D 95 -14.96 2.89 -10.75
CA VAL D 95 -13.78 3.35 -11.48
C VAL D 95 -12.65 2.31 -11.46
N LEU D 96 -12.33 1.78 -10.27
CA LEU D 96 -11.27 0.78 -10.16
C LEU D 96 -11.64 -0.50 -10.88
N GLN D 97 -12.92 -0.87 -10.81
CA GLN D 97 -13.42 -2.08 -11.44
C GLN D 97 -13.34 -2.01 -12.95
N THR D 98 -13.26 -0.81 -13.52
CA THR D 98 -13.18 -0.74 -14.98
C THR D 98 -11.77 -0.98 -15.51
N LEU D 99 -10.77 -0.89 -14.63
CA LEU D 99 -9.40 -1.14 -15.04
C LEU D 99 -9.29 -2.59 -15.52
N GLY D 100 -8.96 -2.77 -16.79
CA GLY D 100 -8.85 -4.11 -17.34
C GLY D 100 -10.08 -4.48 -18.15
N THR D 101 -11.02 -3.56 -18.29
CA THR D 101 -12.24 -3.84 -19.05
C THR D 101 -12.44 -2.95 -20.27
N GLU D 102 -11.44 -2.13 -20.57
CA GLU D 102 -11.53 -1.25 -21.73
C GLU D 102 -10.67 -1.87 -22.83
N THR D 103 -11.29 -2.15 -23.98
CA THR D 103 -10.58 -2.76 -25.09
C THR D 103 -9.76 -1.78 -25.91
N TYR D 104 -9.84 -0.50 -25.57
CA TYR D 104 -9.08 0.52 -26.29
C TYR D 104 -7.82 0.90 -25.50
N ARG D 105 -6.81 1.37 -26.23
CA ARG D 105 -5.52 1.68 -25.62
C ARG D 105 -5.47 2.74 -24.54
N PRO D 106 -5.38 4.03 -24.88
CA PRO D 106 -5.35 4.88 -23.69
C PRO D 106 -6.72 4.71 -23.04
N SER D 107 -6.76 4.24 -21.80
CA SER D 107 -8.03 4.04 -21.12
C SER D 107 -8.46 5.32 -20.41
N SER D 108 -9.75 5.45 -20.14
CA SER D 108 -10.25 6.64 -19.49
C SER D 108 -10.39 6.47 -17.97
N ALA D 109 -10.53 5.22 -17.51
CA ALA D 109 -10.64 5.00 -16.08
C ALA D 109 -9.36 5.42 -15.38
N SER D 110 -8.23 5.25 -16.04
CA SER D 110 -6.95 5.62 -15.45
C SER D 110 -6.91 7.10 -15.04
N GLN D 111 -7.46 7.97 -15.87
CA GLN D 111 -7.48 9.41 -15.55
C GLN D 111 -8.37 9.67 -14.35
N CYS D 112 -9.47 8.94 -14.25
CA CYS D 112 -10.40 9.10 -13.15
C CYS D 112 -9.71 8.67 -11.87
N VAL D 113 -9.05 7.53 -11.91
CA VAL D 113 -8.32 7.02 -10.76
C VAL D 113 -7.34 8.08 -10.24
N ALA D 114 -6.63 8.71 -11.16
CA ALA D 114 -5.66 9.72 -10.78
C ALA D 114 -6.31 10.99 -10.24
N GLY D 115 -7.44 11.38 -10.84
CA GLY D 115 -8.14 12.58 -10.41
C GLY D 115 -8.61 12.46 -8.98
N ILE D 116 -9.24 11.33 -8.67
CA ILE D 116 -9.72 11.06 -7.33
C ILE D 116 -8.55 10.86 -6.37
N ALA D 117 -7.50 10.19 -6.83
CA ALA D 117 -6.32 9.94 -6.00
C ALA D 117 -5.65 11.22 -5.51
N CYS D 118 -5.52 12.21 -6.39
CA CYS D 118 -4.89 13.46 -6.01
C CYS D 118 -5.67 14.22 -4.95
N ALA D 119 -6.98 13.97 -4.88
CA ALA D 119 -7.82 14.64 -3.89
C ALA D 119 -7.90 13.86 -2.57
N GLU D 120 -7.96 12.55 -2.66
CA GLU D 120 -8.11 11.74 -1.45
C GLU D 120 -6.84 11.30 -0.75
N ILE D 121 -5.76 11.07 -1.50
CA ILE D 121 -4.52 10.62 -0.87
C ILE D 121 -3.94 11.64 0.09
N PRO D 122 -3.86 12.93 -0.30
CA PRO D 122 -3.29 13.92 0.61
C PRO D 122 -4.08 14.12 1.90
N VAL D 123 -5.25 13.50 1.98
CA VAL D 123 -6.09 13.56 3.17
C VAL D 123 -6.20 12.11 3.63
N ASN D 124 -5.44 11.25 2.97
CA ASN D 124 -5.43 9.84 3.31
C ASN D 124 -6.85 9.25 3.33
N GLN D 125 -7.52 9.21 2.19
CA GLN D 125 -8.86 8.66 2.17
C GLN D 125 -9.12 7.46 1.27
N TRP D 126 -8.14 7.11 0.44
CA TRP D 126 -8.29 5.95 -0.45
C TRP D 126 -7.09 5.03 -0.20
N PRO D 127 -6.91 4.58 1.06
CA PRO D 127 -5.82 3.70 1.47
C PRO D 127 -5.72 2.38 0.71
N GLU D 128 -6.80 2.01 0.04
CA GLU D 128 -6.79 0.76 -0.72
C GLU D 128 -6.31 0.97 -2.16
N LEU D 129 -6.17 2.22 -2.57
CA LEU D 129 -5.76 2.49 -3.95
C LEU D 129 -4.44 1.87 -4.37
N ILE D 130 -3.34 2.41 -3.85
CA ILE D 130 -2.00 1.95 -4.19
C ILE D 130 -1.80 0.44 -4.09
N PRO D 131 -2.30 -0.18 -3.01
CA PRO D 131 -2.13 -1.63 -2.90
C PRO D 131 -2.86 -2.39 -4.02
N GLN D 132 -4.06 -1.94 -4.36
CA GLN D 132 -4.84 -2.58 -5.41
C GLN D 132 -4.15 -2.46 -6.77
N LEU D 133 -3.62 -1.26 -7.06
CA LEU D 133 -2.95 -1.03 -8.32
C LEU D 133 -1.68 -1.87 -8.43
N VAL D 134 -0.94 -1.97 -7.33
CA VAL D 134 0.29 -2.74 -7.32
C VAL D 134 -0.02 -4.20 -7.58
N ALA D 135 -1.10 -4.69 -6.99
CA ALA D 135 -1.51 -6.08 -7.17
C ALA D 135 -2.00 -6.32 -8.60
N ASN D 136 -2.61 -5.32 -9.21
CA ASN D 136 -3.10 -5.45 -10.57
C ASN D 136 -1.95 -5.68 -11.55
N VAL D 137 -0.80 -5.08 -11.25
CA VAL D 137 0.38 -5.21 -12.11
C VAL D 137 1.17 -6.48 -11.89
N THR D 138 1.35 -6.85 -10.63
CA THR D 138 2.14 -8.03 -10.30
C THR D 138 1.40 -9.37 -10.40
N ASN D 139 0.08 -9.37 -10.26
CA ASN D 139 -0.70 -10.61 -10.35
C ASN D 139 -0.35 -11.31 -11.65
N PRO D 140 0.08 -12.59 -11.56
CA PRO D 140 0.46 -13.36 -12.74
C PRO D 140 -0.69 -13.58 -13.73
N ASN D 141 -1.90 -13.60 -13.21
CA ASN D 141 -3.09 -13.82 -14.03
C ASN D 141 -3.72 -12.54 -14.58
N SER D 142 -3.12 -11.39 -14.28
CA SER D 142 -3.65 -10.13 -14.79
C SER D 142 -3.55 -10.12 -16.30
N THR D 143 -4.60 -9.65 -16.95
CA THR D 143 -4.63 -9.58 -18.40
C THR D 143 -3.74 -8.42 -18.86
N GLU D 144 -3.50 -8.34 -20.17
CA GLU D 144 -2.69 -7.27 -20.68
C GLU D 144 -3.39 -5.92 -20.47
N HIS D 145 -4.71 -5.90 -20.68
CA HIS D 145 -5.47 -4.66 -20.49
C HIS D 145 -5.45 -4.24 -19.01
N MET D 146 -5.48 -5.23 -18.13
CA MET D 146 -5.45 -4.96 -16.69
C MET D 146 -4.12 -4.29 -16.36
N LYS D 147 -3.02 -4.82 -16.89
CA LYS D 147 -1.69 -4.26 -16.65
C LYS D 147 -1.52 -2.87 -17.22
N GLU D 148 -1.88 -2.68 -18.50
CA GLU D 148 -1.77 -1.38 -19.15
C GLU D 148 -2.54 -0.31 -18.39
N SER D 149 -3.83 -0.57 -18.20
CA SER D 149 -4.75 0.31 -17.51
C SER D 149 -4.15 0.87 -16.23
N THR D 150 -3.73 -0.02 -15.34
CA THR D 150 -3.20 0.46 -14.07
C THR D 150 -1.83 1.11 -14.20
N LEU D 151 -1.00 0.67 -15.15
CA LEU D 151 0.31 1.29 -15.32
C LEU D 151 0.08 2.76 -15.72
N GLU D 152 -0.87 2.97 -16.61
CA GLU D 152 -1.22 4.33 -17.04
C GLU D 152 -1.60 5.14 -15.80
N ALA D 153 -2.49 4.55 -14.98
CA ALA D 153 -3.01 5.17 -13.77
C ALA D 153 -1.90 5.51 -12.78
N ILE D 154 -1.00 4.55 -12.56
CA ILE D 154 0.11 4.75 -11.64
C ILE D 154 0.95 5.92 -12.14
N GLY D 155 1.25 5.93 -13.43
CA GLY D 155 2.03 7.02 -13.98
C GLY D 155 1.33 8.36 -13.83
N TYR D 156 0.03 8.40 -14.10
CA TYR D 156 -0.71 9.65 -13.97
C TYR D 156 -0.69 10.14 -12.53
N ILE D 157 -0.88 9.23 -11.58
CA ILE D 157 -0.86 9.62 -10.19
C ILE D 157 0.45 10.30 -9.84
N CYS D 158 1.57 9.64 -10.15
CA CYS D 158 2.89 10.20 -9.86
C CYS D 158 3.17 11.50 -10.59
N GLN D 159 2.60 11.68 -11.78
CA GLN D 159 2.81 12.89 -12.54
C GLN D 159 1.98 14.06 -12.00
N ASP D 160 0.74 13.77 -11.64
CA ASP D 160 -0.16 14.83 -11.19
C ASP D 160 -0.19 15.18 -9.70
N ILE D 161 0.22 14.25 -8.84
CA ILE D 161 0.16 14.50 -7.40
C ILE D 161 1.36 15.24 -6.78
N ASP D 162 1.19 15.68 -5.53
CA ASP D 162 2.26 16.36 -4.79
C ASP D 162 3.19 15.27 -4.32
N PRO D 163 4.50 15.42 -4.58
CA PRO D 163 5.56 14.47 -4.22
C PRO D 163 5.67 14.00 -2.76
N GLU D 164 5.39 14.87 -1.79
CA GLU D 164 5.51 14.46 -0.40
C GLU D 164 4.26 13.75 0.11
N GLN D 165 3.33 13.50 -0.80
CA GLN D 165 2.08 12.86 -0.41
C GLN D 165 2.06 11.34 -0.46
N LEU D 166 2.87 10.76 -1.32
CA LEU D 166 2.89 9.31 -1.50
C LEU D 166 4.28 8.68 -1.33
N GLN D 167 5.22 9.43 -0.79
CA GLN D 167 6.58 8.94 -0.61
C GLN D 167 6.74 7.63 0.15
N ASP D 168 5.82 7.33 1.05
CA ASP D 168 5.89 6.08 1.83
C ASP D 168 5.69 4.84 0.96
N LYS D 169 5.19 5.02 -0.26
CA LYS D 169 4.95 3.89 -1.15
C LYS D 169 5.66 4.00 -2.50
N SER D 170 6.66 4.87 -2.60
CA SER D 170 7.35 5.03 -3.87
C SER D 170 8.11 3.76 -4.27
N ASN D 171 8.54 2.97 -3.29
CA ASN D 171 9.28 1.73 -3.52
C ASN D 171 8.42 0.71 -4.28
N GLU D 172 7.28 0.39 -3.67
CA GLU D 172 6.31 -0.57 -4.21
C GLU D 172 5.77 -0.12 -5.56
N ILE D 173 5.69 1.18 -5.77
CA ILE D 173 5.19 1.72 -7.03
C ILE D 173 6.25 1.57 -8.11
N LEU D 174 7.49 1.89 -7.77
CA LEU D 174 8.59 1.78 -8.72
C LEU D 174 8.70 0.31 -9.14
N THR D 175 8.49 -0.58 -8.19
CA THR D 175 8.56 -2.00 -8.46
C THR D 175 7.57 -2.44 -9.53
N ALA D 176 6.33 -1.98 -9.40
CA ALA D 176 5.28 -2.33 -10.35
C ALA D 176 5.66 -1.84 -11.75
N ILE D 177 6.10 -0.59 -11.84
CA ILE D 177 6.51 0.02 -13.12
C ILE D 177 7.65 -0.76 -13.79
N ILE D 178 8.71 -1.01 -13.03
CA ILE D 178 9.87 -1.74 -13.53
C ILE D 178 9.43 -3.10 -14.07
N GLN D 179 8.60 -3.82 -13.32
CA GLN D 179 8.12 -5.13 -13.73
C GLN D 179 7.44 -5.04 -15.10
N GLY D 180 6.64 -3.99 -15.29
CA GLY D 180 5.95 -3.81 -16.54
C GLY D 180 6.89 -3.47 -17.69
N MET D 181 8.08 -2.98 -17.36
CA MET D 181 9.07 -2.60 -18.37
C MET D 181 10.00 -3.72 -18.81
N ARG D 182 10.23 -4.69 -17.93
CA ARG D 182 11.14 -5.80 -18.21
C ARG D 182 10.87 -6.50 -19.53
N LYS D 183 11.91 -7.08 -20.11
CA LYS D 183 11.79 -7.80 -21.38
C LYS D 183 11.05 -9.13 -21.22
N GLU D 184 10.76 -9.51 -19.98
CA GLU D 184 10.02 -10.74 -19.71
C GLU D 184 8.58 -10.47 -20.12
N GLU D 185 8.20 -9.19 -20.07
CA GLU D 185 6.85 -8.78 -20.42
C GLU D 185 6.60 -9.10 -21.88
N PRO D 186 5.65 -10.00 -22.18
CA PRO D 186 5.35 -10.37 -23.56
C PRO D 186 4.72 -9.28 -24.42
N SER D 187 3.93 -8.42 -23.78
CA SER D 187 3.23 -7.36 -24.49
C SER D 187 4.03 -6.07 -24.70
N ASN D 188 4.19 -5.68 -25.95
CA ASN D 188 4.91 -4.44 -26.19
C ASN D 188 4.06 -3.26 -25.74
N ASN D 189 2.74 -3.43 -25.77
CA ASN D 189 1.87 -2.34 -25.35
C ASN D 189 2.01 -2.11 -23.85
N VAL D 190 2.22 -3.17 -23.09
CA VAL D 190 2.42 -3.03 -21.66
C VAL D 190 3.80 -2.43 -21.41
N LYS D 191 4.77 -2.78 -22.25
CA LYS D 191 6.12 -2.24 -22.11
C LYS D 191 6.09 -0.73 -22.35
N LEU D 192 5.33 -0.31 -23.36
CA LEU D 192 5.20 1.11 -23.69
C LEU D 192 4.51 1.85 -22.54
N ALA D 193 3.38 1.31 -22.08
CA ALA D 193 2.64 1.92 -20.98
C ALA D 193 3.55 2.06 -19.76
N ALA D 194 4.32 1.03 -19.47
CA ALA D 194 5.20 1.06 -18.32
C ALA D 194 6.33 2.09 -18.49
N THR D 195 6.95 2.10 -19.67
CA THR D 195 8.03 3.04 -19.96
C THR D 195 7.50 4.49 -19.88
N ASN D 196 6.26 4.68 -20.28
CA ASN D 196 5.63 6.01 -20.23
C ASN D 196 5.33 6.36 -18.78
N ALA D 197 4.88 5.36 -18.01
CA ALA D 197 4.58 5.56 -16.61
C ALA D 197 5.87 5.96 -15.87
N LEU D 198 6.98 5.31 -16.20
CA LEU D 198 8.24 5.67 -15.55
C LEU D 198 8.59 7.13 -15.87
N LEU D 199 8.46 7.51 -17.13
CA LEU D 199 8.78 8.87 -17.54
C LEU D 199 7.92 9.90 -16.82
N ASN D 200 6.63 9.60 -16.68
CA ASN D 200 5.71 10.51 -15.98
C ASN D 200 6.01 10.51 -14.49
N SER D 201 6.69 9.47 -14.02
CA SER D 201 7.01 9.32 -12.60
C SER D 201 8.45 9.67 -12.21
N LEU D 202 9.31 10.04 -13.16
CA LEU D 202 10.71 10.32 -12.84
C LEU D 202 10.93 11.33 -11.71
N GLU D 203 10.22 12.45 -11.76
CA GLU D 203 10.39 13.47 -10.73
C GLU D 203 9.90 12.96 -9.37
N PHE D 204 8.88 12.12 -9.39
CA PHE D 204 8.34 11.55 -8.16
C PHE D 204 9.31 10.55 -7.50
N THR D 205 10.15 9.92 -8.31
CA THR D 205 11.10 8.92 -7.80
C THR D 205 12.45 9.48 -7.36
N LYS D 206 12.51 10.78 -7.11
CA LYS D 206 13.74 11.42 -6.67
C LYS D 206 14.38 10.69 -5.49
N ALA D 207 13.55 10.31 -4.51
CA ALA D 207 14.02 9.62 -3.33
C ALA D 207 14.69 8.28 -3.64
N ASN D 208 14.13 7.50 -4.58
CA ASN D 208 14.70 6.20 -4.96
C ASN D 208 15.98 6.38 -5.75
N PHE D 209 16.04 7.42 -6.57
CA PHE D 209 17.22 7.68 -7.36
C PHE D 209 18.40 8.01 -6.46
N ASP D 210 18.12 8.39 -5.22
CA ASP D 210 19.18 8.71 -4.28
C ASP D 210 19.78 7.42 -3.67
N LYS D 211 19.04 6.32 -3.79
CA LYS D 211 19.52 5.02 -3.28
C LYS D 211 20.27 4.32 -4.41
N GLU D 212 21.59 4.31 -4.31
CA GLU D 212 22.43 3.72 -5.33
C GLU D 212 21.95 2.35 -5.85
N SER D 213 21.68 1.43 -4.94
CA SER D 213 21.23 0.10 -5.32
C SER D 213 20.00 0.15 -6.22
N GLU D 214 19.02 0.96 -5.83
CA GLU D 214 17.80 1.09 -6.61
C GLU D 214 18.06 1.86 -7.90
N ARG D 215 18.94 2.84 -7.84
CA ARG D 215 19.27 3.63 -9.02
C ARG D 215 19.85 2.73 -10.10
N HIS D 216 20.81 1.88 -9.73
CA HIS D 216 21.41 0.98 -10.72
C HIS D 216 20.29 0.21 -11.42
N PHE D 217 19.31 -0.24 -10.63
CA PHE D 217 18.20 -1.02 -11.18
C PHE D 217 17.36 -0.22 -12.17
N ILE D 218 17.08 1.04 -11.89
CA ILE D 218 16.28 1.85 -12.80
C ILE D 218 17.02 2.06 -14.11
N MET D 219 18.31 2.39 -14.03
CA MET D 219 19.11 2.61 -15.23
C MET D 219 19.20 1.30 -15.99
N GLN D 220 19.17 0.22 -15.23
CA GLN D 220 19.24 -1.15 -15.72
C GLN D 220 18.13 -1.36 -16.72
N VAL D 221 16.89 -1.22 -16.24
CA VAL D 221 15.71 -1.46 -17.05
C VAL D 221 15.50 -0.48 -18.19
N VAL D 222 15.91 0.77 -17.99
CA VAL D 222 15.76 1.78 -19.04
C VAL D 222 16.67 1.48 -20.22
N CYS D 223 17.95 1.25 -19.94
CA CYS D 223 18.91 0.94 -21.01
C CYS D 223 18.46 -0.30 -21.79
N GLU D 224 17.97 -1.28 -21.06
CA GLU D 224 17.51 -2.52 -21.67
C GLU D 224 16.32 -2.23 -22.57
N ALA D 225 15.40 -1.40 -22.08
CA ALA D 225 14.23 -1.03 -22.85
C ALA D 225 14.61 -0.31 -24.16
N THR D 226 15.75 0.38 -24.17
CA THR D 226 16.17 1.08 -25.38
C THR D 226 16.60 0.06 -26.43
N GLN D 227 16.70 -1.21 -26.03
CA GLN D 227 17.10 -2.27 -26.95
C GLN D 227 15.91 -3.13 -27.38
N CYS D 228 14.73 -2.82 -26.86
CA CYS D 228 13.53 -3.56 -27.20
C CYS D 228 13.28 -3.44 -28.70
N PRO D 229 12.92 -4.56 -29.37
CA PRO D 229 12.65 -4.57 -30.80
C PRO D 229 11.61 -3.53 -31.24
N ASP D 230 10.63 -3.29 -30.37
CA ASP D 230 9.58 -2.33 -30.68
C ASP D 230 10.10 -0.89 -30.67
N THR D 231 10.00 -0.22 -31.82
CA THR D 231 10.44 1.15 -31.97
C THR D 231 9.84 2.11 -30.93
N ARG D 232 8.55 1.98 -30.66
CA ARG D 232 7.92 2.87 -29.70
C ARG D 232 8.51 2.73 -28.31
N VAL D 233 8.81 1.49 -27.90
CA VAL D 233 9.38 1.31 -26.58
C VAL D 233 10.79 1.91 -26.56
N ARG D 234 11.56 1.73 -27.62
CA ARG D 234 12.91 2.27 -27.69
C ARG D 234 12.88 3.79 -27.52
N VAL D 235 12.04 4.44 -28.30
CA VAL D 235 11.92 5.90 -28.24
C VAL D 235 11.56 6.38 -26.84
N ALA D 236 10.56 5.77 -26.23
CA ALA D 236 10.14 6.16 -24.89
C ALA D 236 11.27 5.94 -23.87
N ALA D 237 12.03 4.87 -24.07
CA ALA D 237 13.14 4.55 -23.20
C ALA D 237 14.24 5.60 -23.37
N LEU D 238 14.52 5.98 -24.62
CA LEU D 238 15.54 7.00 -24.87
C LEU D 238 15.06 8.32 -24.26
N GLN D 239 13.76 8.58 -24.33
CA GLN D 239 13.22 9.82 -23.75
C GLN D 239 13.46 9.84 -22.24
N ASN D 240 13.38 8.66 -21.62
CA ASN D 240 13.64 8.54 -20.19
C ASN D 240 15.09 8.96 -19.90
N LEU D 241 16.04 8.48 -20.72
CA LEU D 241 17.44 8.84 -20.50
C LEU D 241 17.62 10.36 -20.61
N VAL D 242 16.94 10.98 -21.57
CA VAL D 242 17.03 12.43 -21.75
C VAL D 242 16.55 13.12 -20.47
N LYS D 243 15.37 12.74 -20.00
CA LYS D 243 14.80 13.33 -18.80
C LYS D 243 15.66 13.06 -17.57
N ILE D 244 16.23 11.86 -17.49
CA ILE D 244 17.07 11.50 -16.36
C ILE D 244 18.33 12.37 -16.33
N MET D 245 18.92 12.60 -17.49
CA MET D 245 20.12 13.43 -17.57
C MET D 245 19.79 14.84 -17.10
N SER D 246 18.57 15.29 -17.35
CA SER D 246 18.16 16.63 -16.95
C SER D 246 17.84 16.71 -15.46
N LEU D 247 17.19 15.68 -14.91
CA LEU D 247 16.83 15.68 -13.49
C LEU D 247 17.91 15.16 -12.55
N TYR D 248 18.69 14.21 -13.01
CA TYR D 248 19.72 13.60 -12.19
C TYR D 248 21.12 13.61 -12.79
N TYR D 249 21.49 14.74 -13.38
CA TYR D 249 22.79 14.90 -13.99
C TYR D 249 23.96 14.36 -13.16
N GLN D 250 23.99 14.67 -11.86
CA GLN D 250 25.11 14.24 -11.05
C GLN D 250 25.27 12.74 -10.76
N TYR D 251 24.22 11.93 -10.94
CA TYR D 251 24.29 10.47 -10.73
C TYR D 251 24.72 9.73 -11.99
N MET D 252 24.88 10.46 -13.09
CA MET D 252 25.21 9.86 -14.38
C MET D 252 26.62 9.35 -14.63
N GLU D 253 27.56 9.77 -13.80
CA GLU D 253 28.96 9.36 -13.93
C GLU D 253 29.09 7.85 -14.07
N THR D 254 28.54 7.12 -13.10
CA THR D 254 28.63 5.67 -13.09
C THR D 254 27.98 4.98 -14.28
N TYR D 255 27.13 5.69 -15.01
CA TYR D 255 26.42 5.11 -16.14
C TYR D 255 26.90 5.59 -17.51
N MET D 256 27.51 6.78 -17.53
CA MET D 256 28.04 7.36 -18.76
C MET D 256 29.37 6.69 -19.02
N GLY D 257 29.53 6.09 -20.19
CA GLY D 257 30.79 5.41 -20.44
C GLY D 257 30.52 3.93 -20.42
N PRO D 258 30.14 3.38 -19.25
CA PRO D 258 29.86 1.95 -19.21
C PRO D 258 28.51 1.59 -19.84
N ALA D 259 27.75 2.60 -20.28
CA ALA D 259 26.44 2.30 -20.87
C ALA D 259 25.76 3.40 -21.71
N LEU D 260 25.55 4.58 -21.13
CA LEU D 260 24.84 5.64 -21.84
C LEU D 260 25.48 6.03 -23.15
N PHE D 261 26.79 6.20 -23.13
CA PHE D 261 27.53 6.60 -24.32
C PHE D 261 27.27 5.75 -25.56
N ALA D 262 27.51 4.44 -25.47
CA ALA D 262 27.32 3.55 -26.61
C ALA D 262 25.85 3.47 -27.04
N ILE D 263 24.94 3.49 -26.09
CA ILE D 263 23.52 3.39 -26.41
C ILE D 263 23.07 4.60 -27.22
N THR D 264 23.38 5.80 -26.72
CA THR D 264 22.98 7.01 -27.41
C THR D 264 23.71 7.17 -28.76
N ILE D 265 24.98 6.77 -28.80
CA ILE D 265 25.74 6.84 -30.05
C ILE D 265 25.09 5.92 -31.09
N GLU D 266 24.70 4.72 -30.67
CA GLU D 266 24.05 3.77 -31.57
C GLU D 266 22.73 4.35 -32.08
N ALA D 267 21.93 4.92 -31.16
CA ALA D 267 20.65 5.50 -31.53
C ALA D 267 20.82 6.59 -32.59
N MET D 268 21.81 7.46 -32.41
CA MET D 268 22.07 8.54 -33.35
C MET D 268 22.27 8.02 -34.77
N LYS D 269 22.94 6.87 -34.89
CA LYS D 269 23.21 6.27 -36.21
C LYS D 269 22.05 5.46 -36.78
N SER D 270 21.01 5.26 -35.99
CA SER D 270 19.88 4.48 -36.47
C SER D 270 19.26 5.09 -37.73
N ASP D 271 18.70 4.22 -38.57
CA ASP D 271 18.04 4.67 -39.77
C ASP D 271 16.58 4.93 -39.47
N ILE D 272 16.16 4.61 -38.24
CA ILE D 272 14.80 4.87 -37.82
C ILE D 272 14.82 6.30 -37.25
N ASP D 273 14.27 7.22 -38.03
CA ASP D 273 14.24 8.64 -37.67
C ASP D 273 13.87 8.99 -36.23
N GLU D 274 12.73 8.50 -35.74
CA GLU D 274 12.35 8.81 -34.38
C GLU D 274 13.39 8.37 -33.35
N VAL D 275 14.15 7.32 -33.67
CA VAL D 275 15.20 6.82 -32.77
C VAL D 275 16.43 7.72 -32.84
N ALA D 276 16.85 8.08 -34.05
CA ALA D 276 18.00 8.97 -34.21
C ALA D 276 17.72 10.32 -33.55
N LEU D 277 16.48 10.79 -33.67
CA LEU D 277 16.08 12.04 -33.08
C LEU D 277 16.36 12.08 -31.58
N GLN D 278 16.01 11.02 -30.87
CA GLN D 278 16.26 10.99 -29.42
C GLN D 278 17.73 10.81 -29.10
N GLY D 279 18.43 10.03 -29.91
CA GLY D 279 19.84 9.84 -29.69
C GLY D 279 20.53 11.20 -29.79
N ILE D 280 20.08 12.00 -30.77
CA ILE D 280 20.62 13.33 -30.96
C ILE D 280 20.20 14.24 -29.80
N GLU D 281 18.93 14.16 -29.40
CA GLU D 281 18.44 15.00 -28.31
C GLU D 281 19.19 14.72 -27.02
N PHE D 282 19.59 13.47 -26.82
CA PHE D 282 20.31 13.13 -25.60
C PHE D 282 21.51 14.06 -25.47
N TRP D 283 22.29 14.21 -26.54
CA TRP D 283 23.47 15.05 -26.51
C TRP D 283 23.17 16.55 -26.59
N SER D 284 22.13 16.93 -27.31
CA SER D 284 21.77 18.34 -27.36
C SER D 284 21.35 18.72 -25.94
N ASN D 285 20.68 17.79 -25.27
CA ASN D 285 20.23 18.03 -23.90
C ASN D 285 21.42 18.11 -22.94
N VAL D 286 22.44 17.28 -23.16
CA VAL D 286 23.62 17.34 -22.32
C VAL D 286 24.26 18.73 -22.45
N CYS D 287 24.25 19.28 -23.66
CA CYS D 287 24.80 20.61 -23.88
C CYS D 287 24.01 21.66 -23.11
N ASP D 288 22.68 21.54 -23.12
CA ASP D 288 21.83 22.49 -22.41
C ASP D 288 22.08 22.44 -20.91
N GLU D 289 22.26 21.24 -20.37
CA GLU D 289 22.49 21.09 -18.94
C GLU D 289 23.88 21.57 -18.53
N GLU D 290 24.90 21.26 -19.31
CA GLU D 290 26.24 21.69 -18.96
C GLU D 290 26.44 23.20 -19.15
N MET D 291 25.67 23.82 -20.05
CA MET D 291 25.76 25.27 -20.24
C MET D 291 25.06 25.88 -19.03
N ASP D 292 23.95 25.27 -18.61
CA ASP D 292 23.23 25.76 -17.44
C ASP D 292 24.17 25.61 -16.25
N LEU D 293 24.99 24.57 -16.29
CA LEU D 293 25.96 24.32 -15.23
C LEU D 293 27.02 25.40 -15.23
N ALA D 294 27.68 25.58 -16.37
CA ALA D 294 28.72 26.60 -16.52
C ALA D 294 28.39 27.92 -15.80
N ILE D 295 27.13 28.35 -15.83
CA ILE D 295 26.80 29.60 -15.14
C ILE D 295 26.52 29.35 -13.66
N GLU D 296 26.01 28.16 -13.33
CA GLU D 296 25.74 27.84 -11.93
C GLU D 296 27.08 28.05 -11.24
N ALA D 297 28.15 27.82 -12.00
CA ALA D 297 29.52 27.98 -11.53
C ALA D 297 29.81 29.43 -11.21
N SER D 298 29.99 30.22 -12.26
CA SER D 298 30.28 31.64 -12.16
C SER D 298 29.62 32.31 -10.96
N GLU D 299 28.38 31.91 -10.67
CA GLU D 299 27.61 32.48 -9.57
C GLU D 299 28.08 32.15 -8.15
N ALA D 300 27.25 32.55 -7.17
CA ALA D 300 27.51 32.34 -5.75
C ALA D 300 28.60 33.28 -5.21
N ALA D 301 29.16 34.10 -6.11
CA ALA D 301 30.24 35.02 -5.80
C ALA D 301 31.49 34.15 -5.72
N GLU D 302 31.42 33.16 -4.83
CA GLU D 302 32.47 32.18 -4.60
C GLU D 302 32.11 31.24 -3.45
N GLN D 303 30.86 30.76 -3.41
CA GLN D 303 30.49 29.84 -2.34
C GLN D 303 31.26 28.56 -2.66
N GLY D 304 32.33 28.73 -3.44
CA GLY D 304 33.18 27.63 -3.86
C GLY D 304 32.24 26.64 -4.50
N ARG D 305 31.75 25.74 -3.67
CA ARG D 305 30.79 24.75 -4.09
C ARG D 305 29.63 25.47 -4.73
N PRO D 306 29.52 25.42 -6.06
CA PRO D 306 28.38 26.07 -6.68
C PRO D 306 27.51 24.82 -6.61
N PRO D 307 27.09 24.46 -5.39
CA PRO D 307 26.30 23.26 -5.09
C PRO D 307 26.36 22.20 -6.19
N GLU D 308 25.22 21.92 -6.78
CA GLU D 308 25.09 20.92 -7.82
C GLU D 308 25.95 21.12 -9.05
N HIS D 309 26.91 22.05 -9.02
CA HIS D 309 27.74 22.20 -10.19
C HIS D 309 29.17 21.74 -10.02
N THR D 310 29.45 20.71 -10.79
CA THR D 310 30.73 20.05 -10.88
C THR D 310 30.37 19.26 -12.11
N SER D 311 29.90 19.95 -13.14
CA SER D 311 29.54 19.24 -14.34
C SER D 311 30.79 18.50 -14.77
N LYS D 312 30.61 17.35 -15.40
CA LYS D 312 31.76 16.65 -15.92
C LYS D 312 31.69 17.29 -17.27
N PHE D 313 32.51 16.92 -18.22
CA PHE D 313 32.38 17.60 -19.49
C PHE D 313 32.11 16.55 -20.54
N TYR D 314 30.94 15.92 -20.35
CA TYR D 314 30.46 14.86 -21.21
C TYR D 314 30.44 15.35 -22.64
N ALA D 315 29.85 16.53 -22.88
CA ALA D 315 29.79 17.04 -24.24
C ALA D 315 31.19 17.15 -24.85
N LYS D 316 32.09 17.84 -24.14
CA LYS D 316 33.47 18.01 -24.59
C LYS D 316 34.17 16.66 -24.80
N GLY D 317 34.06 15.78 -23.81
CA GLY D 317 34.69 14.48 -23.92
C GLY D 317 34.13 13.65 -25.06
N ALA D 318 32.85 13.86 -25.40
CA ALA D 318 32.21 13.11 -26.48
C ALA D 318 32.37 13.78 -27.83
N LEU D 319 32.68 15.06 -27.81
CA LEU D 319 32.83 15.85 -29.03
C LEU D 319 33.48 15.10 -30.19
N GLN D 320 34.65 14.52 -29.96
CA GLN D 320 35.34 13.78 -31.02
C GLN D 320 34.52 12.64 -31.64
N TYR D 321 33.55 12.12 -30.89
CA TYR D 321 32.72 11.03 -31.40
C TYR D 321 31.40 11.54 -31.96
N LEU D 322 30.86 12.59 -31.36
CA LEU D 322 29.59 13.17 -31.78
C LEU D 322 29.66 13.83 -33.16
N VAL D 323 30.69 14.67 -33.34
CA VAL D 323 30.85 15.40 -34.60
C VAL D 323 30.82 14.56 -35.88
N PRO D 324 31.75 13.62 -36.03
CA PRO D 324 31.68 12.83 -37.27
C PRO D 324 30.29 12.22 -37.50
N ILE D 325 29.57 11.93 -36.42
CA ILE D 325 28.21 11.38 -36.54
C ILE D 325 27.22 12.46 -36.96
N LEU D 326 27.33 13.62 -36.33
CA LEU D 326 26.46 14.73 -36.64
C LEU D 326 26.64 15.26 -38.07
N THR D 327 27.88 15.51 -38.48
CA THR D 327 28.13 16.01 -39.83
C THR D 327 27.69 15.01 -40.88
N GLN D 328 27.82 13.73 -40.58
CA GLN D 328 27.39 12.70 -41.52
C GLN D 328 25.86 12.75 -41.63
N THR D 329 25.18 13.01 -40.51
CA THR D 329 23.74 13.08 -40.49
C THR D 329 23.21 14.25 -41.33
N LEU D 330 24.03 15.30 -41.49
CA LEU D 330 23.64 16.46 -42.30
C LEU D 330 23.53 16.06 -43.76
N THR D 331 23.95 14.82 -44.03
CA THR D 331 23.93 14.24 -45.37
C THR D 331 22.62 13.52 -45.70
N LYS D 332 21.90 13.11 -44.67
CA LYS D 332 20.64 12.38 -44.84
C LYS D 332 19.51 13.30 -45.24
N GLN D 333 19.41 13.56 -46.54
CA GLN D 333 18.40 14.45 -47.09
C GLN D 333 18.13 14.16 -48.56
N ASP D 334 16.97 14.59 -49.03
CA ASP D 334 16.57 14.42 -50.43
C ASP D 334 15.60 15.54 -50.80
N GLU D 335 15.57 15.95 -52.06
CA GLU D 335 14.69 17.03 -52.54
C GLU D 335 13.27 16.92 -52.00
N ASN D 336 12.82 15.68 -51.80
CA ASN D 336 11.48 15.41 -51.28
C ASN D 336 11.34 15.96 -49.86
N ASP D 337 12.47 16.33 -49.25
CA ASP D 337 12.51 16.87 -47.89
C ASP D 337 12.23 18.37 -47.83
N ASP D 338 11.74 18.82 -46.68
CA ASP D 338 11.42 20.22 -46.45
C ASP D 338 12.49 20.86 -45.57
N ASP D 339 12.80 22.13 -45.83
CA ASP D 339 13.83 22.85 -45.08
C ASP D 339 13.58 22.98 -43.59
N ASP D 340 12.32 23.10 -43.19
CA ASP D 340 12.03 23.24 -41.77
C ASP D 340 11.36 22.02 -41.15
N ASP D 341 11.52 20.88 -41.82
CA ASP D 341 10.94 19.65 -41.29
C ASP D 341 11.88 19.10 -40.23
N TRP D 342 11.31 18.70 -39.10
CA TRP D 342 12.08 18.18 -38.01
C TRP D 342 12.45 16.71 -38.22
N ASN D 343 13.65 16.49 -38.73
CA ASN D 343 14.18 15.15 -38.97
C ASN D 343 15.63 15.09 -38.45
N PRO D 344 16.24 13.90 -38.41
CA PRO D 344 17.62 13.78 -37.93
C PRO D 344 18.57 14.85 -38.51
N CYS D 345 18.49 15.09 -39.82
CA CYS D 345 19.33 16.09 -40.46
C CYS D 345 19.18 17.45 -39.76
N LYS D 346 17.94 17.86 -39.52
CA LYS D 346 17.70 19.13 -38.87
C LYS D 346 18.15 19.12 -37.42
N ALA D 347 17.94 18.00 -36.72
CA ALA D 347 18.33 17.90 -35.32
C ALA D 347 19.84 17.95 -35.17
N ALA D 348 20.54 17.31 -36.10
CA ALA D 348 21.99 17.29 -36.07
C ALA D 348 22.54 18.72 -36.17
N GLY D 349 21.93 19.53 -37.03
CA GLY D 349 22.38 20.90 -37.17
C GLY D 349 22.21 21.64 -35.85
N VAL D 350 21.06 21.45 -35.21
CA VAL D 350 20.80 22.10 -33.93
C VAL D 350 21.77 21.63 -32.86
N CYS D 351 22.11 20.34 -32.90
CA CYS D 351 23.03 19.77 -31.92
C CYS D 351 24.43 20.33 -32.15
N LEU D 352 24.84 20.38 -33.42
CA LEU D 352 26.14 20.92 -33.79
C LEU D 352 26.31 22.33 -33.24
N MET D 353 25.31 23.18 -33.50
CA MET D 353 25.36 24.56 -33.01
C MET D 353 25.43 24.64 -31.49
N LEU D 354 24.76 23.73 -30.79
CA LEU D 354 24.79 23.74 -29.34
C LEU D 354 26.17 23.34 -28.81
N LEU D 355 26.81 22.40 -29.49
CA LEU D 355 28.16 22.01 -29.08
C LEU D 355 29.05 23.22 -29.32
N ALA D 356 28.70 23.98 -30.36
CA ALA D 356 29.45 25.17 -30.74
C ALA D 356 29.55 26.17 -29.60
N THR D 357 28.42 26.46 -28.94
CA THR D 357 28.42 27.41 -27.83
C THR D 357 28.83 26.74 -26.52
N CYS D 358 28.65 25.42 -26.46
CA CYS D 358 28.96 24.65 -25.27
C CYS D 358 30.46 24.38 -25.13
N CYS D 359 31.10 24.12 -26.27
CA CYS D 359 32.53 23.84 -26.31
C CYS D 359 33.13 24.78 -27.34
N GLU D 360 32.79 26.06 -27.15
CA GLU D 360 33.20 27.19 -27.99
C GLU D 360 34.42 27.09 -28.89
N ASP D 361 35.36 26.21 -28.59
CA ASP D 361 36.56 26.14 -29.43
C ASP D 361 36.88 24.77 -30.02
N ASP D 362 36.88 23.77 -29.16
CA ASP D 362 37.20 22.41 -29.56
C ASP D 362 36.42 21.92 -30.78
N ILE D 363 35.32 22.60 -31.14
CA ILE D 363 34.53 22.18 -32.31
C ILE D 363 35.25 22.45 -33.62
N VAL D 364 35.72 23.68 -33.79
CA VAL D 364 36.40 24.08 -35.01
C VAL D 364 37.36 23.02 -35.54
N PRO D 365 38.28 22.54 -34.69
CA PRO D 365 39.26 21.53 -35.10
C PRO D 365 38.59 20.23 -35.56
N HIS D 366 37.49 19.88 -34.91
CA HIS D 366 36.75 18.65 -35.23
C HIS D 366 35.86 18.73 -36.47
N VAL D 367 35.39 19.93 -36.80
CA VAL D 367 34.49 20.11 -37.95
C VAL D 367 35.19 20.50 -39.25
N LEU D 368 36.23 21.32 -39.14
CA LEU D 368 36.96 21.81 -40.31
C LEU D 368 37.38 20.75 -41.34
N PRO D 369 37.88 19.59 -40.86
CA PRO D 369 38.30 18.53 -41.79
C PRO D 369 37.19 18.14 -42.76
N PHE D 370 36.00 17.91 -42.22
CA PHE D 370 34.84 17.53 -43.01
C PHE D 370 34.46 18.65 -43.97
N ILE D 371 34.51 19.89 -43.49
CA ILE D 371 34.17 21.03 -44.32
C ILE D 371 35.09 21.10 -45.53
N LYS D 372 36.38 20.95 -45.29
CA LYS D 372 37.36 21.01 -46.37
C LYS D 372 37.30 19.82 -47.33
N GLU D 373 36.95 18.65 -46.82
CA GLU D 373 36.87 17.47 -47.66
C GLU D 373 35.64 17.42 -48.55
N HIS D 374 34.54 18.04 -48.12
CA HIS D 374 33.33 17.99 -48.94
C HIS D 374 32.77 19.30 -49.47
N ILE D 375 33.44 20.42 -49.16
CA ILE D 375 32.97 21.71 -49.63
C ILE D 375 32.87 21.80 -51.16
N LYS D 376 33.40 20.80 -51.86
CA LYS D 376 33.37 20.78 -53.32
C LYS D 376 32.93 19.42 -53.87
N ASN D 377 32.47 18.54 -52.98
CA ASN D 377 32.02 17.21 -53.34
C ASN D 377 30.92 17.27 -54.41
N PRO D 378 31.01 16.39 -55.43
CA PRO D 378 30.04 16.32 -56.54
C PRO D 378 28.62 16.04 -56.05
N ASP D 379 28.52 15.32 -54.95
CA ASP D 379 27.24 14.99 -54.37
C ASP D 379 26.77 16.23 -53.59
N TRP D 380 25.62 16.79 -53.98
CA TRP D 380 25.12 17.97 -53.31
C TRP D 380 24.83 17.75 -51.82
N ARG D 381 24.44 16.54 -51.46
CA ARG D 381 24.15 16.25 -50.06
C ARG D 381 25.38 16.56 -49.21
N TYR D 382 26.54 16.07 -49.65
CA TYR D 382 27.79 16.30 -48.92
C TYR D 382 28.23 17.76 -49.05
N ARG D 383 27.99 18.35 -50.22
CA ARG D 383 28.35 19.73 -50.48
C ARG D 383 27.52 20.60 -49.53
N ASP D 384 26.22 20.33 -49.48
CA ASP D 384 25.32 21.06 -48.60
C ASP D 384 25.70 20.87 -47.14
N ALA D 385 25.99 19.64 -46.78
CA ALA D 385 26.38 19.33 -45.41
C ALA D 385 27.62 20.16 -45.05
N ALA D 386 28.54 20.28 -46.01
CA ALA D 386 29.75 21.05 -45.78
C ALA D 386 29.45 22.50 -45.44
N VAL D 387 28.59 23.12 -46.25
CA VAL D 387 28.22 24.53 -46.03
C VAL D 387 27.49 24.75 -44.72
N MET D 388 26.50 23.89 -44.46
CA MET D 388 25.71 23.93 -43.24
C MET D 388 26.59 23.81 -42.00
N ALA D 389 27.50 22.84 -42.01
CA ALA D 389 28.39 22.63 -40.88
C ALA D 389 29.20 23.90 -40.60
N PHE D 390 29.71 24.52 -41.66
CA PHE D 390 30.49 25.75 -41.50
C PHE D 390 29.70 26.81 -40.75
N GLY D 391 28.41 26.93 -41.07
CA GLY D 391 27.57 27.91 -40.41
C GLY D 391 27.17 27.55 -38.99
N CYS D 392 27.26 26.27 -38.65
CA CYS D 392 26.91 25.82 -37.31
C CYS D 392 28.00 26.11 -36.28
N ILE D 393 29.16 26.57 -36.74
CA ILE D 393 30.25 26.87 -35.82
C ILE D 393 30.57 28.35 -35.72
N LEU D 394 29.72 29.20 -36.31
CA LEU D 394 29.95 30.63 -36.26
C LEU D 394 29.35 31.25 -34.99
N GLU D 395 28.66 30.44 -34.18
CA GLU D 395 28.07 30.94 -32.94
C GLU D 395 28.71 30.31 -31.70
N GLY D 396 29.71 30.98 -31.13
CA GLY D 396 30.39 30.47 -29.95
C GLY D 396 31.91 30.61 -29.86
N PRO D 397 32.65 30.18 -30.89
CA PRO D 397 34.12 30.28 -30.88
C PRO D 397 34.59 31.73 -30.70
N GLU D 398 35.88 31.95 -30.43
CA GLU D 398 36.36 33.33 -30.30
C GLU D 398 36.04 34.05 -31.61
N PRO D 399 35.55 35.28 -31.54
CA PRO D 399 35.24 35.98 -32.79
C PRO D 399 36.38 36.19 -33.78
N SER D 400 37.59 35.72 -33.50
CA SER D 400 38.65 35.99 -34.48
C SER D 400 39.41 34.83 -35.10
N GLN D 401 38.99 33.59 -34.90
CA GLN D 401 39.63 32.46 -35.56
C GLN D 401 38.58 32.18 -36.64
N LEU D 402 37.43 32.83 -36.47
CA LEU D 402 36.31 32.71 -37.41
C LEU D 402 36.56 33.74 -38.49
N LYS D 403 37.05 34.92 -38.09
CA LYS D 403 37.34 35.98 -39.05
C LYS D 403 38.27 35.43 -40.14
N PRO D 404 39.49 35.02 -39.77
CA PRO D 404 40.44 34.49 -40.76
C PRO D 404 39.96 33.25 -41.50
N LEU D 405 38.93 32.59 -40.97
CA LEU D 405 38.41 31.39 -41.62
C LEU D 405 37.24 31.74 -42.54
N VAL D 406 36.33 32.57 -42.05
CA VAL D 406 35.17 32.98 -42.85
C VAL D 406 35.63 33.91 -43.96
N ILE D 407 36.77 34.57 -43.74
CA ILE D 407 37.33 35.49 -44.72
C ILE D 407 38.11 34.69 -45.76
N GLN D 408 38.30 33.40 -45.47
CA GLN D 408 39.02 32.51 -46.37
C GLN D 408 38.00 31.77 -47.23
N ALA D 409 36.89 31.37 -46.62
CA ALA D 409 35.84 30.65 -47.32
C ALA D 409 34.94 31.60 -48.09
N MET D 410 35.01 32.88 -47.73
CA MET D 410 34.20 33.92 -48.36
C MET D 410 34.06 33.73 -49.87
N PRO D 411 35.19 33.64 -50.59
CA PRO D 411 35.12 33.47 -52.05
C PRO D 411 34.24 32.29 -52.42
N THR D 412 34.44 31.19 -51.68
CA THR D 412 33.70 29.96 -51.95
C THR D 412 32.24 30.05 -51.51
N LEU D 413 31.98 30.61 -50.34
CA LEU D 413 30.61 30.74 -49.86
C LEU D 413 29.74 31.55 -50.83
N ILE D 414 30.37 32.48 -51.53
CA ILE D 414 29.66 33.30 -52.50
C ILE D 414 29.36 32.49 -53.76
N GLU D 415 30.35 31.71 -54.20
CA GLU D 415 30.17 30.87 -55.38
C GLU D 415 29.06 29.83 -55.14
N LEU D 416 29.13 29.17 -53.99
CA LEU D 416 28.14 28.16 -53.63
C LEU D 416 26.71 28.65 -53.67
N MET D 417 26.54 29.98 -53.71
CA MET D 417 25.21 30.56 -53.77
C MET D 417 24.64 30.47 -55.18
N LYS D 418 25.48 30.06 -56.12
CA LYS D 418 25.11 29.91 -57.52
C LYS D 418 25.23 28.43 -57.88
N ASP D 419 25.23 27.58 -56.85
CA ASP D 419 25.34 26.13 -57.00
C ASP D 419 24.14 25.57 -57.77
N PRO D 420 24.36 24.51 -58.57
CA PRO D 420 23.28 23.91 -59.34
C PRO D 420 22.15 23.42 -58.42
N SER D 421 22.53 23.00 -57.21
CA SER D 421 21.58 22.53 -56.22
C SER D 421 20.93 23.67 -55.44
N VAL D 422 19.61 23.76 -55.48
CA VAL D 422 18.90 24.80 -54.74
C VAL D 422 19.16 24.60 -53.25
N VAL D 423 19.27 23.34 -52.83
CA VAL D 423 19.53 23.05 -51.43
C VAL D 423 20.82 23.75 -51.04
N VAL D 424 21.88 23.50 -51.80
CA VAL D 424 23.18 24.12 -51.52
C VAL D 424 23.07 25.64 -51.47
N ARG D 425 22.36 26.22 -52.44
CA ARG D 425 22.19 27.67 -52.49
C ARG D 425 21.56 28.23 -51.23
N ASP D 426 20.42 27.68 -50.85
CA ASP D 426 19.69 28.12 -49.67
C ASP D 426 20.54 28.03 -48.41
N THR D 427 21.28 26.94 -48.28
CA THR D 427 22.12 26.77 -47.08
C THR D 427 23.25 27.78 -47.12
N ALA D 428 23.78 28.05 -48.32
CA ALA D 428 24.87 29.02 -48.46
C ALA D 428 24.35 30.38 -47.95
N ALA D 429 23.20 30.79 -48.47
CA ALA D 429 22.60 32.06 -48.07
C ALA D 429 22.45 32.12 -46.55
N TRP D 430 21.92 31.04 -45.98
CA TRP D 430 21.73 30.93 -44.54
C TRP D 430 23.04 31.22 -43.82
N THR D 431 24.10 30.54 -44.25
CA THR D 431 25.41 30.68 -43.64
C THR D 431 25.90 32.12 -43.77
N VAL D 432 25.87 32.64 -44.99
CA VAL D 432 26.29 34.02 -45.27
C VAL D 432 25.54 35.00 -44.39
N GLY D 433 24.24 34.82 -44.29
CA GLY D 433 23.43 35.70 -43.47
C GLY D 433 23.92 35.70 -42.02
N ARG D 434 24.26 34.53 -41.51
CA ARG D 434 24.74 34.42 -40.14
C ARG D 434 26.07 35.12 -39.99
N ILE D 435 26.89 35.10 -41.05
CA ILE D 435 28.18 35.76 -41.01
C ILE D 435 27.97 37.26 -40.77
N CYS D 436 26.88 37.79 -41.33
CA CYS D 436 26.56 39.21 -41.17
C CYS D 436 26.06 39.47 -39.76
N GLU D 437 24.91 38.88 -39.43
CA GLU D 437 24.32 39.09 -38.12
C GLU D 437 25.27 38.89 -36.95
N LEU D 438 26.37 38.15 -37.17
CA LEU D 438 27.32 37.95 -36.09
C LEU D 438 28.64 38.65 -36.38
N LEU D 439 29.49 38.03 -37.20
CA LEU D 439 30.78 38.61 -37.55
C LEU D 439 30.67 39.85 -38.46
#